data_2WZR
#
_entry.id   2WZR
#
_cell.length_a   305.140
_cell.length_b   305.140
_cell.length_c   723.670
_cell.angle_alpha   90.00
_cell.angle_beta   90.00
_cell.angle_gamma   120.00
#
_symmetry.space_group_name_H-M   'H 3'
#
loop_
_entity.id
_entity.type
_entity.pdbx_description
1 polymer POLYPROTEIN
2 polymer POLYPROTEIN
3 polymer POLYPROTEIN
4 polymer POLYPROTEIN
#
loop_
_entity_poly.entity_id
_entity_poly.type
_entity_poly.pdbx_seq_one_letter_code
_entity_poly.pdbx_strand_id
1 'polypeptide(L)'
;TTSAGEGADPVTTDASAHGGDTRTTRRAHTDVTFLLDRFTLVGKTNDNKLVLDLLSTKEKSLVGALLRAATYYFSDLEVA
CVGTNAWVGWTPNGSPVLTEVGDNPVVFSRRGTTRFALPYTAPHRVLATVYNGDCKYKPTGTAPRENIRGDLATLAARIA
SETHIPTTFNYGMIYTQAEVDVYLRMKRAELYCPRPVLTHYDHNGRDRYKTTLVKPAKQ
;
1
2 'polypeptide(L)'
;DKKTEETTLLEDRIVTTSHGTTTSTTQSSVGVTYGYALTDKFLPGPNTNGLETRVEQAERFFKHKLFDWTLDQQFGTTYV
LELPTDHKGIYGQLVDSHAYIRNGWDVQVSATATQFNGGCLLVAMVPELCKLDDREKYQLTLFPHQFLNPRTNTTAHIQV
PYLGVDRHDQGTRHKAWTLVVMVLAPYTNDQTIGSTKAEVYVNIAPTNVYVAGEKPVKQ
;
2
3 'polypeptide(L)'
;GILPVAVSDGYGGFQNTDPKTSDPVYGHVYNPARTLYPGRFTNLLDVAEACPTLLDFNGVPYVQTQSNSGSKVLACFDLA
FGHKNMKNTYMSGLAQYFAQYSGTLNLHFMYTGPTNNKAKYMVAYIPPGTHPLPETPEMASHCYHAEWDTGLNSTFTFTV
PYFSAADYAYTYADEPEQASVQGWVGVYQITDTHEKDGAVIVTVSAGPDFEFRMPISPSRQ
;
3
4 'polypeptide(L)'
;GAGQSSPATGSQNQSGNTGSIINNYYMQQYQNSMDTQLGDNAISGGSNEGSTDTTSTHTNNTQNNDWFSKLAQSAFSGLV
GALLA
;
4
#
# COMPACT_ATOMS: atom_id res chain seq x y z
N THR A 1 34.90 18.64 -14.05
CA THR A 1 34.69 17.69 -15.15
C THR A 1 33.53 18.05 -16.00
N THR A 2 33.76 18.00 -17.30
CA THR A 2 32.69 18.26 -18.23
C THR A 2 31.97 16.93 -18.27
N SER A 3 30.71 16.96 -18.68
CA SER A 3 29.90 15.75 -18.77
C SER A 3 28.68 16.06 -19.59
N ALA A 4 27.96 15.01 -19.99
CA ALA A 4 26.73 15.16 -20.74
C ALA A 4 25.64 15.11 -19.67
N GLY A 5 25.39 16.24 -19.02
CA GLY A 5 24.42 16.27 -17.95
C GLY A 5 22.99 15.84 -18.26
N GLU A 6 22.60 15.92 -19.51
CA GLU A 6 21.25 15.57 -19.94
C GLU A 6 20.77 14.18 -19.53
N GLY A 7 21.70 13.22 -19.52
CA GLY A 7 21.39 11.83 -19.21
C GLY A 7 21.09 11.54 -17.76
N ALA A 8 21.37 12.52 -16.92
CA ALA A 8 21.15 12.46 -15.48
C ALA A 8 21.99 11.50 -14.64
N ASP A 9 23.02 10.88 -15.23
CA ASP A 9 23.89 9.96 -14.49
C ASP A 9 24.64 10.79 -13.45
N PRO A 10 24.69 10.34 -12.19
CA PRO A 10 25.39 11.09 -11.14
C PRO A 10 26.86 11.44 -11.37
N VAL A 11 27.29 12.57 -10.84
CA VAL A 11 28.69 13.01 -10.90
C VAL A 11 29.05 13.55 -9.51
N THR A 12 30.05 12.92 -8.87
CA THR A 12 30.54 13.41 -7.58
C THR A 12 32.05 13.50 -7.61
N THR A 13 32.57 14.69 -7.34
CA THR A 13 34.00 14.96 -7.43
C THR A 13 34.71 15.42 -6.14
N ASP A 14 36.02 15.15 -6.08
CA ASP A 14 36.94 15.50 -4.97
C ASP A 14 37.43 16.89 -5.21
N ALA A 15 38.52 17.19 -4.51
CA ALA A 15 39.22 18.45 -4.64
C ALA A 15 40.55 18.11 -5.29
N SER A 16 40.75 16.83 -5.61
CA SER A 16 41.99 16.32 -6.21
C SER A 16 42.37 17.02 -7.49
N ALA A 17 41.39 17.47 -8.24
CA ALA A 17 41.71 18.17 -9.47
C ALA A 17 42.56 19.41 -9.17
N HIS A 18 42.34 20.00 -7.99
CA HIS A 18 43.02 21.19 -7.54
C HIS A 18 44.14 20.91 -6.57
N GLY A 19 44.46 19.63 -6.39
CA GLY A 19 45.54 19.26 -5.51
C GLY A 19 45.13 18.83 -4.13
N GLY A 20 43.83 18.63 -3.93
CA GLY A 20 43.35 18.27 -2.61
C GLY A 20 43.22 16.82 -2.25
N ASP A 21 42.88 16.66 -0.98
CA ASP A 21 42.64 15.43 -0.27
C ASP A 21 41.14 15.11 -0.25
N THR A 22 40.78 14.31 0.74
CA THR A 22 39.40 13.91 1.04
C THR A 22 39.48 13.61 2.50
N ARG A 23 38.56 14.15 3.27
CA ARG A 23 38.54 13.91 4.69
C ARG A 23 37.79 12.64 5.01
N THR A 24 38.09 12.09 6.17
CA THR A 24 37.42 10.89 6.60
C THR A 24 36.02 11.27 7.03
N THR A 25 34.99 10.65 6.46
CA THR A 25 33.66 11.03 6.91
C THR A 25 32.91 9.97 7.70
N ARG A 26 32.16 10.43 8.68
CA ARG A 26 31.37 9.57 9.53
C ARG A 26 29.93 10.08 9.53
N ARG A 27 29.11 9.46 8.68
CA ARG A 27 27.74 9.89 8.48
C ARG A 27 26.69 9.26 9.42
N ALA A 28 27.08 8.98 10.66
CA ALA A 28 26.14 8.38 11.61
C ALA A 28 24.90 9.25 11.83
N HIS A 29 25.09 10.56 11.81
CA HIS A 29 23.98 11.47 12.05
C HIS A 29 23.00 11.65 10.90
N THR A 30 23.32 11.12 9.72
CA THR A 30 22.37 11.24 8.63
C THR A 30 21.72 9.89 8.35
N ASP A 31 21.91 8.96 9.29
CA ASP A 31 21.30 7.66 9.16
C ASP A 31 19.80 7.82 9.47
N VAL A 32 18.99 7.46 8.50
CA VAL A 32 17.53 7.55 8.61
C VAL A 32 16.92 6.90 9.85
N THR A 33 17.32 5.66 10.10
CA THR A 33 16.79 4.94 11.22
C THR A 33 17.06 5.58 12.54
N PHE A 34 18.30 6.00 12.71
CA PHE A 34 18.76 6.65 13.93
C PHE A 34 17.98 7.92 14.16
N LEU A 35 17.90 8.71 13.08
CA LEU A 35 17.23 9.98 13.08
C LEU A 35 15.78 9.89 13.52
N LEU A 36 15.02 8.99 12.94
CA LEU A 36 13.61 8.89 13.30
C LEU A 36 13.37 8.15 14.62
N ASP A 37 14.41 7.58 15.19
CA ASP A 37 14.22 6.84 16.42
C ASP A 37 14.28 7.73 17.65
N ARG A 38 13.26 8.57 17.81
CA ARG A 38 13.17 9.46 18.97
C ARG A 38 11.70 9.82 19.12
N PHE A 39 11.33 10.30 20.30
CA PHE A 39 9.93 10.69 20.56
C PHE A 39 9.66 12.10 20.07
N THR A 40 8.56 12.23 19.35
CA THR A 40 8.13 13.52 18.86
C THR A 40 6.72 13.78 19.40
N LEU A 41 6.48 15.01 19.84
CA LEU A 41 5.19 15.42 20.37
C LEU A 41 4.25 15.73 19.23
N VAL A 42 3.15 15.00 19.15
CA VAL A 42 2.20 15.25 18.08
C VAL A 42 1.02 16.10 18.53
N GLY A 43 0.85 16.25 19.84
CA GLY A 43 -0.26 17.03 20.33
C GLY A 43 -1.02 16.39 21.46
N LYS A 44 -2.24 16.87 21.71
CA LYS A 44 -3.06 16.36 22.78
C LYS A 44 -4.16 15.48 22.22
N THR A 45 -4.77 14.67 23.09
CA THR A 45 -5.85 13.79 22.69
C THR A 45 -7.08 14.66 22.53
N ASN A 46 -8.14 14.09 21.96
CA ASN A 46 -9.39 14.82 21.83
C ASN A 46 -10.42 14.40 22.84
N ASP A 47 -11.40 13.58 22.49
CA ASP A 47 -12.34 13.21 23.54
C ASP A 47 -11.65 12.07 24.26
N ASN A 48 -10.42 12.30 24.70
CA ASN A 48 -9.65 11.24 25.33
C ASN A 48 -9.41 10.08 24.37
N LYS A 49 -9.23 10.44 23.09
CA LYS A 49 -8.99 9.48 22.02
C LYS A 49 -7.98 10.16 21.10
N LEU A 50 -7.27 9.34 20.32
CA LEU A 50 -6.33 9.85 19.34
C LEU A 50 -5.99 8.69 18.41
N VAL A 51 -6.18 8.91 17.12
CA VAL A 51 -5.85 7.90 16.11
C VAL A 51 -4.34 8.03 15.95
N LEU A 52 -3.66 6.90 15.94
CA LEU A 52 -2.23 6.92 15.75
C LEU A 52 -1.96 7.04 14.25
N ASP A 53 -1.69 8.27 13.81
CA ASP A 53 -1.42 8.59 12.40
C ASP A 53 -0.12 9.36 12.37
N LEU A 54 0.91 8.80 11.75
CA LEU A 54 2.19 9.48 11.74
C LEU A 54 2.14 10.81 11.02
N LEU A 55 1.11 11.00 10.21
CA LEU A 55 0.98 12.27 9.49
C LEU A 55 0.53 13.39 10.44
N SER A 56 0.35 13.06 11.71
CA SER A 56 -0.03 14.03 12.73
C SER A 56 1.22 14.72 13.23
N THR A 57 2.37 14.16 12.90
CA THR A 57 3.62 14.73 13.35
C THR A 57 3.73 16.14 12.81
N LYS A 58 4.29 17.04 13.63
CA LYS A 58 4.46 18.43 13.22
C LYS A 58 5.40 18.45 12.01
N GLU A 59 4.92 18.93 10.88
CA GLU A 59 5.75 18.98 9.68
C GLU A 59 7.04 19.80 9.62
N LYS A 60 7.33 20.58 10.65
CA LYS A 60 8.56 21.37 10.65
C LYS A 60 9.55 20.84 11.68
N SER A 61 9.13 19.81 12.41
CA SER A 61 9.98 19.19 13.40
C SER A 61 10.94 18.28 12.64
N LEU A 62 11.99 17.86 13.32
CA LEU A 62 12.95 16.99 12.70
C LEU A 62 12.26 15.71 12.20
N VAL A 63 11.51 15.06 13.07
CA VAL A 63 10.85 13.86 12.63
C VAL A 63 9.76 14.07 11.58
N GLY A 64 8.88 15.05 11.81
CA GLY A 64 7.81 15.32 10.87
C GLY A 64 8.36 15.61 9.49
N ALA A 65 9.39 16.45 9.45
CA ALA A 65 10.03 16.81 8.21
C ALA A 65 10.66 15.61 7.51
N LEU A 66 11.45 14.81 8.23
CA LEU A 66 12.11 13.67 7.61
C LEU A 66 11.15 12.60 7.13
N LEU A 67 10.13 12.30 7.91
CA LEU A 67 9.16 11.31 7.51
C LEU A 67 8.55 11.72 6.17
N ARG A 68 8.31 13.01 6.00
CA ARG A 68 7.71 13.52 4.78
C ARG A 68 8.65 13.58 3.60
N ALA A 69 9.91 13.28 3.87
CA ALA A 69 10.97 13.30 2.86
C ALA A 69 11.00 11.96 2.12
N ALA A 70 10.05 11.09 2.44
CA ALA A 70 9.94 9.78 1.80
C ALA A 70 8.49 9.57 1.35
N THR A 71 8.31 8.86 0.24
CA THR A 71 6.98 8.58 -0.27
C THR A 71 6.39 7.39 0.51
N TYR A 72 7.20 6.38 0.78
CA TYR A 72 6.73 5.21 1.51
C TYR A 72 7.59 4.93 2.72
N TYR A 73 7.00 4.27 3.69
CA TYR A 73 7.71 3.96 4.91
C TYR A 73 7.10 2.75 5.61
N PHE A 74 7.83 2.26 6.61
CA PHE A 74 7.41 1.15 7.44
C PHE A 74 8.13 1.33 8.78
N SER A 75 7.46 0.97 9.86
CA SER A 75 8.11 1.03 11.17
C SER A 75 7.21 0.46 12.22
N ASP A 76 7.78 0.17 13.38
CA ASP A 76 7.01 -0.27 14.52
C ASP A 76 6.85 1.03 15.32
N LEU A 77 6.18 0.99 16.46
CA LEU A 77 5.97 2.25 17.14
C LEU A 77 5.99 2.18 18.65
N GLU A 78 6.40 3.27 19.29
CA GLU A 78 6.36 3.37 20.75
C GLU A 78 5.54 4.62 21.02
N VAL A 79 4.76 4.58 22.09
CA VAL A 79 3.90 5.69 22.48
C VAL A 79 4.14 6.08 23.93
N ALA A 80 4.00 7.37 24.21
CA ALA A 80 4.14 7.89 25.56
C ALA A 80 3.19 9.07 25.65
N CYS A 81 2.25 8.96 26.58
CA CYS A 81 1.24 9.99 26.83
C CYS A 81 1.62 10.58 28.17
N VAL A 82 1.99 11.85 28.13
CA VAL A 82 2.38 12.54 29.34
C VAL A 82 1.25 13.48 29.78
N GLY A 83 0.97 13.46 31.07
CA GLY A 83 -0.08 14.29 31.62
C GLY A 83 -0.60 13.61 32.86
N THR A 84 -1.47 14.29 33.58
CA THR A 84 -2.03 13.66 34.76
C THR A 84 -3.29 12.94 34.25
N ASN A 85 -3.14 11.63 34.12
CA ASN A 85 -4.17 10.75 33.61
C ASN A 85 -3.84 9.34 34.10
N ALA A 86 -4.87 8.52 34.30
CA ALA A 86 -4.70 7.17 34.84
C ALA A 86 -4.36 6.00 33.93
N TRP A 87 -4.78 6.00 32.65
CA TRP A 87 -4.51 4.80 31.94
C TRP A 87 -4.39 4.46 30.49
N VAL A 88 -4.38 5.36 29.53
CA VAL A 88 -4.20 4.87 28.10
C VAL A 88 -4.50 3.40 27.63
N GLY A 89 -5.42 3.23 26.69
CA GLY A 89 -5.80 1.93 26.14
C GLY A 89 -5.62 1.96 24.63
N TRP A 90 -5.64 0.81 23.96
CA TRP A 90 -5.39 0.79 22.51
C TRP A 90 -6.10 -0.29 21.66
N THR A 91 -6.38 0.06 20.40
CA THR A 91 -6.99 -0.89 19.47
C THR A 91 -6.24 -0.83 18.17
N PRO A 92 -6.06 -1.99 17.54
CA PRO A 92 -5.34 -2.06 16.27
C PRO A 92 -6.04 -1.53 15.05
N ASN A 93 -5.25 -1.40 13.99
CA ASN A 93 -5.72 -0.93 12.70
C ASN A 93 -6.88 -1.81 12.26
N GLY A 94 -7.98 -1.19 11.83
CA GLY A 94 -9.11 -1.96 11.37
C GLY A 94 -10.20 -2.28 12.37
N SER A 95 -10.02 -1.92 13.65
CA SER A 95 -11.06 -2.20 14.63
C SER A 95 -12.10 -1.11 14.69
N PRO A 96 -13.34 -1.46 15.01
CA PRO A 96 -14.35 -0.42 15.06
C PRO A 96 -14.09 0.53 16.22
N VAL A 97 -14.53 1.77 16.08
CA VAL A 97 -14.35 2.75 17.13
C VAL A 97 -15.28 2.33 18.27
N LEU A 98 -14.77 2.37 19.49
CA LEU A 98 -15.54 1.94 20.65
C LEU A 98 -15.86 3.06 21.63
N THR A 99 -16.83 2.79 22.50
CA THR A 99 -17.26 3.71 23.54
C THR A 99 -16.33 3.62 24.74
N GLU A 100 -15.80 2.42 24.97
CA GLU A 100 -14.88 2.16 26.07
C GLU A 100 -13.93 1.07 25.61
N VAL A 101 -12.66 1.18 25.99
CA VAL A 101 -11.69 0.17 25.57
C VAL A 101 -11.97 -1.15 26.21
N GLY A 102 -12.30 -1.09 27.49
CA GLY A 102 -12.55 -2.28 28.27
C GLY A 102 -12.19 -3.62 27.66
N ASP A 103 -11.07 -4.17 28.11
CA ASP A 103 -10.61 -5.50 27.67
C ASP A 103 -9.62 -5.59 26.53
N ASN A 104 -9.49 -4.50 25.78
CA ASN A 104 -8.51 -4.43 24.73
C ASN A 104 -7.26 -4.03 25.53
N PRO A 105 -6.08 -4.01 24.89
CA PRO A 105 -4.91 -3.64 25.70
C PRO A 105 -5.06 -2.34 26.50
N VAL A 106 -4.80 -2.41 27.80
CA VAL A 106 -4.83 -1.25 28.70
C VAL A 106 -3.52 -1.21 29.49
N VAL A 107 -3.00 0.00 29.70
CA VAL A 107 -1.73 0.17 30.43
C VAL A 107 -1.91 1.29 31.44
N PHE A 108 -1.59 1.04 32.69
CA PHE A 108 -1.72 2.10 33.67
C PHE A 108 -0.50 2.97 33.73
N SER A 109 -0.78 4.23 34.04
CA SER A 109 0.17 5.32 34.20
C SER A 109 1.20 4.99 35.32
N ARG A 110 2.39 5.61 35.29
CA ARG A 110 3.42 5.45 36.34
C ARG A 110 4.19 6.78 36.38
N ARG A 111 4.03 7.53 37.47
CA ARG A 111 4.62 8.87 37.66
C ARG A 111 4.30 9.90 36.58
N GLY A 112 3.03 9.91 36.14
CA GLY A 112 2.60 10.91 35.19
C GLY A 112 2.79 10.72 33.71
N THR A 113 3.32 9.58 33.33
CA THR A 113 3.52 9.26 31.94
C THR A 113 3.24 7.76 31.76
N THR A 114 2.79 7.41 30.56
CA THR A 114 2.48 6.02 30.20
C THR A 114 3.20 5.85 28.88
N ARG A 115 4.08 4.87 28.82
CA ARG A 115 4.89 4.63 27.65
C ARG A 115 4.74 3.16 27.36
N PHE A 116 4.61 2.82 26.10
CA PHE A 116 4.47 1.42 25.72
C PHE A 116 4.82 1.17 24.28
N ALA A 117 5.04 -0.10 23.94
CA ALA A 117 5.46 -0.46 22.60
C ALA A 117 4.42 -1.21 21.80
N LEU A 118 4.33 -0.83 20.53
CA LEU A 118 3.37 -1.40 19.58
C LEU A 118 4.00 -1.91 18.28
N PRO A 119 3.27 -2.78 17.57
CA PRO A 119 3.71 -3.34 16.30
C PRO A 119 2.95 -2.67 15.14
N TYR A 120 3.57 -2.66 13.96
CA TYR A 120 2.95 -2.13 12.76
C TYR A 120 1.68 -3.01 12.63
N THR A 121 0.51 -2.41 12.39
CA THR A 121 -0.71 -3.21 12.30
C THR A 121 -1.52 -3.05 11.03
N ALA A 122 -1.00 -2.29 10.07
CA ALA A 122 -1.71 -2.07 8.81
C ALA A 122 -1.78 -3.34 8.01
N PRO A 123 -2.66 -3.40 7.00
CA PRO A 123 -2.78 -4.59 6.15
C PRO A 123 -1.93 -4.49 4.88
N HIS A 124 -1.24 -3.37 4.69
CA HIS A 124 -0.37 -3.12 3.51
C HIS A 124 1.11 -3.46 3.79
N ARG A 125 1.88 -3.78 2.74
CA ARG A 125 3.31 -4.09 2.91
C ARG A 125 4.08 -2.86 3.47
N VAL A 126 3.64 -1.67 3.06
CA VAL A 126 4.18 -0.36 3.51
C VAL A 126 3.08 0.71 3.44
N LEU A 127 3.31 1.84 4.10
CA LEU A 127 2.38 2.95 4.07
C LEU A 127 2.97 4.10 3.26
N ALA A 128 2.12 5.07 2.93
CA ALA A 128 2.59 6.19 2.16
C ALA A 128 2.29 7.49 2.89
N THR A 129 3.09 8.50 2.60
CA THR A 129 2.91 9.83 3.18
C THR A 129 2.03 10.66 2.23
N VAL A 130 1.93 10.24 0.97
CA VAL A 130 1.09 10.86 -0.07
C VAL A 130 0.51 9.71 -0.86
N TYR A 131 -0.67 9.91 -1.44
CA TYR A 131 -1.34 8.86 -2.16
C TYR A 131 -2.26 9.48 -3.22
N ASN A 132 -1.81 9.51 -4.46
CA ASN A 132 -2.59 10.10 -5.54
C ASN A 132 -3.73 9.19 -5.93
N GLY A 133 -4.69 9.08 -5.03
CA GLY A 133 -5.83 8.24 -5.29
C GLY A 133 -7.03 9.14 -5.47
N ASP A 134 -7.50 9.24 -6.70
CA ASP A 134 -8.67 10.04 -7.03
C ASP A 134 -8.55 11.48 -6.51
N CYS A 135 -7.60 12.23 -7.04
CA CYS A 135 -7.42 13.62 -6.63
C CYS A 135 -6.64 14.32 -7.72
N LYS A 136 -7.09 14.07 -8.95
CA LYS A 136 -6.53 14.64 -10.17
C LYS A 136 -5.88 16.01 -9.99
N TYR A 137 -4.56 16.03 -10.02
CA TYR A 137 -3.78 17.27 -9.90
C TYR A 137 -3.79 17.98 -11.25
N LYS A 138 -3.91 19.31 -11.18
CA LYS A 138 -3.91 20.13 -12.39
C LYS A 138 -2.92 21.25 -12.09
N PRO A 139 -1.87 21.40 -12.93
CA PRO A 139 -0.87 22.43 -12.71
C PRO A 139 -1.47 23.85 -12.80
N THR A 140 -1.31 24.62 -11.82
N ILE A 165 -5.67 10.39 1.67
CA ILE A 165 -5.02 9.31 2.52
C ILE A 165 -6.07 8.29 2.96
N PRO A 166 -5.96 7.04 2.49
CA PRO A 166 -6.92 5.98 2.84
C PRO A 166 -7.06 5.69 4.35
N THR A 167 -8.27 5.27 4.72
CA THR A 167 -8.68 4.90 6.08
C THR A 167 -7.62 3.99 6.69
N THR A 168 -7.22 3.02 5.89
CA THR A 168 -6.26 2.02 6.28
C THR A 168 -4.89 2.49 6.76
N PHE A 169 -4.47 3.68 6.36
CA PHE A 169 -3.16 4.17 6.78
C PHE A 169 -3.12 4.67 8.22
N ASN A 170 -3.05 3.75 9.18
CA ASN A 170 -2.98 4.15 10.57
C ASN A 170 -2.34 3.07 11.45
N TYR A 171 -1.98 3.45 12.67
CA TYR A 171 -1.36 2.51 13.58
C TYR A 171 -2.30 2.15 14.74
N GLY A 172 -3.59 2.38 14.54
CA GLY A 172 -4.56 2.09 15.59
C GLY A 172 -5.06 3.35 16.28
N MET A 173 -5.66 3.18 17.44
CA MET A 173 -6.19 4.31 18.16
C MET A 173 -6.05 4.12 19.64
N ILE A 174 -5.82 5.22 20.35
CA ILE A 174 -5.70 5.17 21.79
C ILE A 174 -6.86 5.87 22.45
N TYR A 175 -7.15 5.41 23.65
CA TYR A 175 -8.23 5.90 24.47
C TYR A 175 -7.58 6.24 25.80
N THR A 176 -7.87 7.40 26.37
CA THR A 176 -7.26 7.74 27.65
C THR A 176 -8.30 8.08 28.71
N GLN A 177 -7.83 8.23 29.94
CA GLN A 177 -8.70 8.57 31.03
C GLN A 177 -8.84 10.09 31.10
N ALA A 178 -7.84 10.81 30.62
CA ALA A 178 -7.89 12.27 30.64
C ALA A 178 -7.08 12.81 29.49
N GLU A 179 -7.06 14.12 29.33
CA GLU A 179 -6.32 14.75 28.24
C GLU A 179 -4.84 14.64 28.54
N VAL A 180 -4.06 14.34 27.50
CA VAL A 180 -2.61 14.19 27.64
C VAL A 180 -1.89 14.61 26.37
N ASP A 181 -0.58 14.83 26.48
CA ASP A 181 0.26 15.16 25.33
C ASP A 181 0.70 13.80 24.80
N VAL A 182 0.58 13.59 23.50
CA VAL A 182 0.94 12.32 22.90
C VAL A 182 2.25 12.40 22.15
N TYR A 183 3.13 11.42 22.43
CA TYR A 183 4.41 11.32 21.76
C TYR A 183 4.54 10.01 21.01
N LEU A 184 5.06 10.07 19.79
CA LEU A 184 5.26 8.86 19.01
C LEU A 184 6.74 8.67 18.74
N ARG A 185 7.17 7.42 18.67
CA ARG A 185 8.57 7.11 18.40
C ARG A 185 8.59 5.99 17.36
N MET A 186 9.17 6.26 16.19
CA MET A 186 9.25 5.24 15.13
C MET A 186 10.43 4.29 15.37
N LYS A 187 10.16 3.00 15.37
CA LYS A 187 11.18 1.99 15.59
C LYS A 187 11.41 1.19 14.34
N ARG A 188 12.67 0.78 14.11
CA ARG A 188 13.01 -0.05 12.94
C ARG A 188 12.65 0.60 11.61
N ALA A 189 12.62 1.92 11.55
CA ALA A 189 12.20 2.64 10.35
C ALA A 189 12.90 2.33 9.03
N GLU A 190 12.09 2.22 7.98
CA GLU A 190 12.55 2.03 6.61
C GLU A 190 11.89 3.13 5.74
N LEU A 191 12.66 3.83 4.89
CA LEU A 191 12.07 4.86 4.02
C LEU A 191 12.37 4.57 2.57
N TYR A 192 11.43 4.88 1.70
CA TYR A 192 11.61 4.63 0.29
C TYR A 192 11.17 5.81 -0.55
N CYS A 193 11.88 6.04 -1.65
CA CYS A 193 11.53 7.11 -2.60
C CYS A 193 11.51 8.49 -2.01
N PRO A 194 12.70 9.10 -1.88
CA PRO A 194 12.86 10.42 -1.32
C PRO A 194 12.03 11.48 -1.99
N ARG A 195 11.64 12.46 -1.19
CA ARG A 195 10.85 13.61 -1.61
C ARG A 195 11.57 14.83 -1.04
N PRO A 196 11.22 16.02 -1.57
CA PRO A 196 11.84 17.27 -1.11
C PRO A 196 11.71 17.67 0.34
N VAL A 197 12.72 18.39 0.81
CA VAL A 197 12.81 18.90 2.18
C VAL A 197 13.16 20.38 1.99
N LEU A 198 12.21 21.27 2.28
CA LEU A 198 12.43 22.71 2.10
C LEU A 198 12.86 23.43 3.38
N THR A 199 13.62 24.51 3.23
CA THR A 199 14.03 25.29 4.40
C THR A 199 12.75 25.98 4.90
N HIS A 200 12.65 26.21 6.21
CA HIS A 200 11.45 26.86 6.76
C HIS A 200 11.66 28.20 7.44
N TYR A 201 12.89 28.68 7.44
CA TYR A 201 13.18 29.96 8.04
C TYR A 201 12.85 31.04 7.00
N ASP A 202 12.54 32.25 7.45
CA ASP A 202 12.23 33.30 6.50
C ASP A 202 13.37 34.29 6.35
N HIS A 203 13.86 34.45 5.14
CA HIS A 203 14.97 35.39 4.88
C HIS A 203 14.55 36.83 5.09
N ASN A 204 13.26 37.09 4.89
CA ASN A 204 12.67 38.42 4.95
C ASN A 204 13.13 39.04 3.63
N GLY A 205 13.96 40.07 3.71
CA GLY A 205 14.45 40.67 2.47
C GLY A 205 15.95 40.46 2.43
N ARG A 206 16.52 40.13 3.58
CA ARG A 206 17.93 39.90 3.72
C ARG A 206 18.44 38.82 2.74
N ASP A 207 19.74 38.88 2.44
CA ASP A 207 20.41 37.94 1.53
C ASP A 207 20.80 36.63 2.25
N ARG A 208 21.43 36.77 3.41
CA ARG A 208 21.86 35.65 4.27
C ARG A 208 20.72 35.50 5.26
N TYR A 209 20.66 34.38 5.99
CA TYR A 209 19.60 34.24 6.95
C TYR A 209 19.92 34.70 8.36
N LYS A 210 20.93 34.18 9.06
CA LYS A 210 21.23 34.70 10.45
C LYS A 210 20.22 34.60 11.63
N THR A 211 20.69 34.13 12.79
CA THR A 211 19.89 34.02 14.02
C THR A 211 20.91 34.14 15.13
N THR A 212 20.45 34.09 16.36
CA THR A 212 21.39 34.15 17.44
C THR A 212 21.66 32.70 17.81
N LEU A 213 22.92 32.34 17.71
CA LEU A 213 23.35 30.99 18.03
C LEU A 213 23.80 31.04 19.48
N VAL A 214 23.82 29.88 20.10
CA VAL A 214 24.26 29.73 21.47
C VAL A 214 25.70 30.26 21.58
N LYS A 215 25.90 31.15 22.53
CA LYS A 215 27.21 31.73 22.85
C LYS A 215 27.38 31.98 24.32
N PRO A 216 28.64 31.98 24.79
CA PRO A 216 28.91 32.23 26.20
C PRO A 216 28.39 33.65 26.52
N ALA A 217 27.67 33.80 27.63
CA ALA A 217 27.14 35.10 28.01
C ALA A 217 28.19 35.85 28.84
N LYS A 218 28.78 35.20 29.74
N ARG B 13 24.62 7.86 -31.42
CA ARG B 13 23.61 7.73 -30.31
C ARG B 13 22.28 7.22 -30.87
N ILE B 14 22.35 6.16 -31.65
CA ILE B 14 21.18 5.61 -32.26
C ILE B 14 20.74 4.43 -31.43
N VAL B 15 19.50 4.46 -30.96
CA VAL B 15 18.99 3.39 -30.12
C VAL B 15 17.58 3.05 -30.50
N THR B 16 17.33 1.76 -30.70
CA THR B 16 16.01 1.29 -31.05
C THR B 16 15.41 0.51 -29.93
N THR B 17 14.28 0.97 -29.37
CA THR B 17 13.62 0.23 -28.31
C THR B 17 12.46 -0.45 -28.97
N SER B 18 12.23 -1.70 -28.63
CA SER B 18 11.10 -2.35 -29.23
C SER B 18 10.29 -3.09 -28.18
N HIS B 19 8.97 -3.09 -28.38
CA HIS B 19 8.01 -3.76 -27.51
C HIS B 19 6.97 -4.33 -28.42
N GLY B 20 6.87 -5.65 -28.43
CA GLY B 20 5.88 -6.26 -29.28
C GLY B 20 6.12 -5.90 -30.72
N THR B 21 5.05 -5.55 -31.42
CA THR B 21 5.14 -5.17 -32.83
C THR B 21 5.43 -3.70 -33.02
N THR B 22 5.83 -3.02 -31.95
CA THR B 22 6.12 -1.60 -32.03
C THR B 22 7.58 -1.29 -31.77
N THR B 23 8.18 -0.47 -32.62
CA THR B 23 9.56 -0.06 -32.39
C THR B 23 9.69 1.46 -32.37
N SER B 24 10.83 1.90 -31.85
CA SER B 24 11.12 3.30 -31.74
C SER B 24 12.62 3.47 -31.88
N THR B 25 13.01 4.22 -32.89
CA THR B 25 14.40 4.47 -33.13
C THR B 25 14.65 5.97 -32.96
N THR B 26 15.62 6.32 -32.10
CA THR B 26 15.99 7.71 -31.89
C THR B 26 17.46 7.83 -32.28
N GLN B 27 17.86 9.00 -32.78
CA GLN B 27 19.24 9.21 -33.16
C GLN B 27 19.91 10.20 -32.22
N SER B 28 19.23 10.61 -31.15
CA SER B 28 19.86 11.54 -30.22
C SER B 28 19.70 11.05 -28.78
N SER B 29 19.83 9.74 -28.63
CA SER B 29 19.71 9.16 -27.31
C SER B 29 20.76 9.74 -26.39
N VAL B 30 20.43 9.73 -25.12
CA VAL B 30 21.28 10.26 -24.07
C VAL B 30 21.28 9.19 -22.93
N GLY B 31 20.79 8.00 -23.27
CA GLY B 31 20.71 6.88 -22.35
C GLY B 31 19.35 6.74 -21.74
N VAL B 32 19.15 5.67 -20.98
CA VAL B 32 17.89 5.40 -20.27
C VAL B 32 18.15 5.62 -18.77
N THR B 33 17.18 6.19 -18.07
CA THR B 33 17.29 6.41 -16.64
C THR B 33 16.38 5.40 -15.97
N TYR B 34 16.97 4.54 -15.16
CA TYR B 34 16.21 3.53 -14.45
C TYR B 34 15.86 4.10 -13.10
N GLY B 35 14.57 4.16 -12.77
CA GLY B 35 14.20 4.73 -11.49
C GLY B 35 13.92 3.79 -10.33
N TYR B 36 14.68 3.91 -9.24
CA TYR B 36 14.46 3.12 -8.03
C TYR B 36 14.76 1.63 -8.12
N ALA B 37 15.02 1.14 -9.34
CA ALA B 37 15.30 -0.27 -9.55
C ALA B 37 15.80 -0.49 -10.95
N LEU B 38 16.62 -1.53 -11.14
CA LEU B 38 17.12 -1.84 -12.48
C LEU B 38 16.13 -2.70 -13.25
N THR B 39 15.21 -3.34 -12.54
CA THR B 39 14.18 -4.18 -13.14
C THR B 39 12.90 -4.21 -12.35
N ASP B 40 11.83 -4.60 -13.03
CA ASP B 40 10.52 -4.69 -12.43
C ASP B 40 10.29 -6.18 -12.28
N LYS B 41 10.89 -6.78 -11.28
CA LYS B 41 10.74 -8.22 -11.07
C LYS B 41 9.37 -8.42 -10.47
N PHE B 42 8.58 -9.35 -10.99
CA PHE B 42 7.25 -9.56 -10.39
C PHE B 42 7.24 -10.73 -9.39
N LEU B 43 6.98 -10.39 -8.12
CA LEU B 43 6.89 -11.37 -7.04
C LEU B 43 5.43 -11.47 -6.68
N PRO B 44 4.82 -12.59 -7.05
CA PRO B 44 3.40 -12.79 -6.75
C PRO B 44 3.19 -12.89 -5.25
N GLY B 45 2.10 -12.28 -4.77
CA GLY B 45 1.77 -12.30 -3.36
C GLY B 45 0.40 -12.91 -3.10
N PRO B 46 0.04 -13.09 -1.82
CA PRO B 46 -1.24 -13.68 -1.38
C PRO B 46 -2.53 -12.91 -1.77
N ASN B 47 -2.39 -11.66 -2.16
CA ASN B 47 -3.54 -10.84 -2.51
C ASN B 47 -4.25 -11.34 -3.77
N THR B 48 -3.58 -12.13 -4.61
CA THR B 48 -4.17 -12.65 -5.83
C THR B 48 -4.47 -14.14 -5.81
N ASN B 49 -4.11 -14.80 -4.71
CA ASN B 49 -4.38 -16.22 -4.57
C ASN B 49 -3.78 -17.05 -5.72
N GLY B 50 -2.76 -16.50 -6.37
CA GLY B 50 -2.13 -17.24 -7.44
C GLY B 50 -2.92 -17.29 -8.73
N LEU B 51 -4.00 -16.54 -8.81
CA LEU B 51 -4.83 -16.51 -10.01
C LEU B 51 -4.46 -15.44 -11.03
N GLU B 52 -3.47 -14.58 -10.70
CA GLU B 52 -3.07 -13.51 -11.64
C GLU B 52 -2.39 -14.09 -12.86
N THR B 53 -2.44 -13.38 -13.98
CA THR B 53 -1.81 -13.83 -15.22
C THR B 53 -1.22 -12.66 -15.97
N ARG B 54 -0.16 -12.92 -16.71
CA ARG B 54 0.47 -11.87 -17.45
C ARG B 54 -0.14 -11.77 -18.81
N VAL B 55 -0.33 -10.54 -19.32
CA VAL B 55 -0.87 -10.40 -20.66
C VAL B 55 0.13 -9.59 -21.47
N GLU B 56 1.03 -10.31 -22.15
CA GLU B 56 2.07 -9.68 -22.92
C GLU B 56 1.60 -8.84 -24.07
N GLN B 57 0.49 -9.25 -24.67
CA GLN B 57 -0.08 -8.53 -25.80
C GLN B 57 -0.27 -7.04 -25.54
N ALA B 58 -0.41 -6.67 -24.27
CA ALA B 58 -0.60 -5.28 -23.86
C ALA B 58 0.65 -4.44 -23.84
N GLU B 59 1.79 -5.09 -23.73
CA GLU B 59 3.08 -4.43 -23.61
C GLU B 59 3.62 -3.95 -24.93
N ARG B 60 3.09 -2.80 -25.37
CA ARG B 60 3.48 -2.13 -26.63
C ARG B 60 3.30 -0.63 -26.49
N PHE B 61 3.95 0.10 -27.39
CA PHE B 61 3.88 1.55 -27.35
C PHE B 61 2.58 2.21 -27.79
N PHE B 62 2.27 3.31 -27.11
CA PHE B 62 1.14 4.13 -27.50
C PHE B 62 1.70 5.55 -27.40
N LYS B 63 1.15 6.45 -28.22
CA LYS B 63 1.61 7.83 -28.30
C LYS B 63 0.56 8.87 -27.88
N HIS B 64 1.05 10.04 -27.46
CA HIS B 64 0.23 11.18 -27.03
C HIS B 64 0.93 12.48 -27.23
N LYS B 65 0.20 13.52 -27.59
CA LYS B 65 0.86 14.80 -27.67
C LYS B 65 0.66 15.40 -26.29
N LEU B 66 1.72 15.88 -25.66
CA LEU B 66 1.59 16.47 -24.33
C LEU B 66 1.33 17.99 -24.38
N PHE B 67 2.14 18.74 -25.15
CA PHE B 67 1.98 20.18 -25.29
C PHE B 67 2.98 20.78 -26.26
N ASP B 68 2.89 22.10 -26.50
CA ASP B 68 3.81 22.82 -27.41
C ASP B 68 4.72 23.68 -26.56
N TRP B 69 6.01 23.42 -26.65
CA TRP B 69 6.99 24.15 -25.90
C TRP B 69 7.15 25.44 -26.68
N THR B 70 6.77 26.55 -26.06
CA THR B 70 6.79 27.85 -26.71
C THR B 70 7.61 28.88 -26.00
N LEU B 71 7.79 29.99 -26.71
CA LEU B 71 8.59 31.10 -26.23
C LEU B 71 8.08 31.83 -25.01
N ASP B 72 6.78 31.78 -24.72
CA ASP B 72 6.29 32.52 -23.56
C ASP B 72 6.30 31.78 -22.28
N GLN B 73 6.28 30.46 -22.34
CA GLN B 73 6.30 29.69 -21.10
C GLN B 73 7.57 29.93 -20.30
N GLN B 74 7.39 30.25 -19.03
CA GLN B 74 8.50 30.53 -18.16
C GLN B 74 8.81 29.42 -17.20
N PHE B 75 9.95 29.56 -16.52
CA PHE B 75 10.40 28.57 -15.55
C PHE B 75 9.27 28.18 -14.62
N GLY B 76 9.09 26.89 -14.38
CA GLY B 76 8.05 26.47 -13.48
C GLY B 76 6.84 25.95 -14.20
N THR B 77 6.66 26.35 -15.46
CA THR B 77 5.52 25.89 -16.23
C THR B 77 5.56 24.37 -16.22
N THR B 78 4.45 23.76 -15.83
CA THR B 78 4.39 22.33 -15.71
C THR B 78 3.25 21.61 -16.39
N TYR B 79 3.56 20.52 -17.08
CA TYR B 79 2.56 19.68 -17.73
C TYR B 79 2.74 18.30 -17.15
N VAL B 80 1.63 17.67 -16.78
CA VAL B 80 1.68 16.33 -16.21
C VAL B 80 0.74 15.40 -16.96
N LEU B 81 0.99 14.11 -16.82
CA LEU B 81 0.18 13.07 -17.45
C LEU B 81 0.16 11.95 -16.42
N GLU B 82 -1.00 11.74 -15.79
CA GLU B 82 -1.10 10.70 -14.77
C GLU B 82 -1.29 9.36 -15.47
N LEU B 83 -0.61 8.35 -14.94
CA LEU B 83 -0.64 7.00 -15.47
C LEU B 83 -1.27 6.13 -14.41
N PRO B 84 -2.11 5.18 -14.83
CA PRO B 84 -2.50 4.87 -16.21
C PRO B 84 -3.42 5.89 -16.82
N THR B 85 -3.26 6.08 -18.10
CA THR B 85 -4.06 7.04 -18.81
C THR B 85 -5.11 6.25 -19.56
N ASP B 86 -6.00 6.95 -20.24
CA ASP B 86 -7.04 6.32 -21.03
C ASP B 86 -6.40 5.67 -22.25
N HIS B 87 -6.79 4.44 -22.52
CA HIS B 87 -6.16 3.71 -23.59
C HIS B 87 -7.19 3.13 -24.54
N LYS B 88 -7.00 3.35 -25.82
CA LYS B 88 -7.93 2.83 -26.82
C LYS B 88 -7.37 1.58 -27.50
N GLY B 89 -6.62 0.78 -26.78
CA GLY B 89 -6.04 -0.39 -27.39
C GLY B 89 -6.21 -1.53 -26.44
N ILE B 90 -5.37 -2.53 -26.61
CA ILE B 90 -5.40 -3.71 -25.77
C ILE B 90 -5.34 -3.39 -24.26
N TYR B 91 -4.36 -2.58 -23.84
CA TYR B 91 -4.24 -2.26 -22.42
C TYR B 91 -5.57 -1.83 -21.85
N GLY B 92 -6.24 -0.92 -22.54
CA GLY B 92 -7.54 -0.46 -22.10
C GLY B 92 -8.59 -1.57 -21.94
N GLN B 93 -8.50 -2.61 -22.77
CA GLN B 93 -9.46 -3.72 -22.69
C GLN B 93 -9.31 -4.45 -21.36
N LEU B 94 -8.08 -4.55 -20.87
CA LEU B 94 -7.81 -5.25 -19.61
C LEU B 94 -8.63 -4.69 -18.47
N VAL B 95 -8.74 -3.38 -18.49
CA VAL B 95 -9.47 -2.65 -17.47
C VAL B 95 -10.95 -3.02 -17.42
N ASP B 96 -11.53 -3.39 -18.56
CA ASP B 96 -12.96 -3.76 -18.57
C ASP B 96 -13.21 -5.21 -18.19
N SER B 97 -12.22 -6.06 -18.44
CA SER B 97 -12.33 -7.48 -18.17
C SER B 97 -11.83 -7.94 -16.81
N HIS B 98 -10.92 -7.18 -16.20
CA HIS B 98 -10.36 -7.54 -14.91
C HIS B 98 -10.45 -6.47 -13.85
N ALA B 99 -10.62 -6.89 -12.61
CA ALA B 99 -10.76 -5.95 -11.50
C ALA B 99 -9.45 -5.39 -11.02
N TYR B 100 -8.40 -6.21 -11.00
CA TYR B 100 -7.10 -5.80 -10.50
C TYR B 100 -6.02 -5.83 -11.56
N ILE B 101 -5.10 -4.88 -11.46
CA ILE B 101 -4.03 -4.81 -12.43
C ILE B 101 -2.77 -4.18 -11.83
N ARG B 102 -1.61 -4.53 -12.41
CA ARG B 102 -0.31 -3.99 -12.03
C ARG B 102 0.62 -4.02 -13.26
N ASN B 103 1.54 -3.06 -13.33
CA ASN B 103 2.50 -2.96 -14.41
C ASN B 103 3.48 -1.80 -14.16
N GLY B 104 4.56 -1.76 -14.93
CA GLY B 104 5.54 -0.70 -14.79
C GLY B 104 5.38 0.10 -16.07
N TRP B 105 6.31 1.01 -16.34
CA TRP B 105 6.22 1.85 -17.52
C TRP B 105 7.57 2.12 -18.16
N ASP B 106 7.59 2.10 -19.49
CA ASP B 106 8.79 2.42 -20.24
C ASP B 106 8.39 3.73 -20.93
N VAL B 107 8.99 4.81 -20.49
CA VAL B 107 8.66 6.12 -21.00
C VAL B 107 9.67 6.85 -21.84
N GLN B 108 9.24 7.27 -23.01
CA GLN B 108 10.08 8.06 -23.90
C GLN B 108 9.36 9.38 -24.10
N VAL B 109 10.05 10.50 -23.92
CA VAL B 109 9.42 11.80 -24.13
C VAL B 109 10.31 12.57 -25.08
N SER B 110 9.72 13.31 -26.02
CA SER B 110 10.53 14.06 -26.97
C SER B 110 10.07 15.48 -27.16
N ALA B 111 11.00 16.36 -27.53
CA ALA B 111 10.64 17.74 -27.83
C ALA B 111 11.47 18.07 -29.05
N THR B 112 10.86 18.03 -30.23
CA THR B 112 11.64 18.30 -31.43
C THR B 112 11.82 19.76 -31.82
N ALA B 113 12.98 20.29 -31.40
CA ALA B 113 13.46 21.65 -31.62
C ALA B 113 14.74 21.56 -32.48
N THR B 114 15.20 22.68 -33.05
CA THR B 114 16.41 22.65 -33.87
C THR B 114 17.58 22.91 -32.93
N GLN B 115 18.79 22.63 -33.39
CA GLN B 115 19.97 22.85 -32.59
C GLN B 115 20.27 24.33 -32.46
N PHE B 116 19.45 25.15 -33.15
CA PHE B 116 19.58 26.60 -33.09
C PHE B 116 18.57 27.31 -32.20
N ASN B 117 17.91 26.48 -31.39
CA ASN B 117 16.95 26.89 -30.39
C ASN B 117 17.63 26.71 -29.04
N GLY B 118 17.05 27.25 -28.00
CA GLY B 118 17.65 27.15 -26.70
C GLY B 118 16.60 26.95 -25.63
N GLY B 119 17.04 26.60 -24.43
CA GLY B 119 16.10 26.38 -23.35
C GLY B 119 16.31 25.00 -22.80
N CYS B 120 15.44 24.57 -21.89
CA CYS B 120 15.61 23.28 -21.32
C CYS B 120 14.40 22.85 -20.53
N LEU B 121 13.96 21.63 -20.81
CA LEU B 121 12.81 21.04 -20.13
C LEU B 121 13.33 19.95 -19.21
N LEU B 122 12.69 19.78 -18.06
CA LEU B 122 13.07 18.72 -17.13
C LEU B 122 11.94 17.68 -17.26
N VAL B 123 12.30 16.41 -17.50
CA VAL B 123 11.30 15.36 -17.57
C VAL B 123 11.56 14.38 -16.41
N ALA B 124 10.51 14.12 -15.60
CA ALA B 124 10.58 13.26 -14.42
C ALA B 124 9.34 12.41 -14.19
N MET B 125 9.52 11.27 -13.55
CA MET B 125 8.41 10.39 -13.22
C MET B 125 8.30 10.48 -11.71
N VAL B 126 7.20 11.04 -11.22
CA VAL B 126 7.01 11.23 -9.79
C VAL B 126 5.91 10.35 -9.28
N PRO B 127 6.16 9.65 -8.18
CA PRO B 127 5.14 8.76 -7.62
C PRO B 127 4.19 9.48 -6.68
N GLU B 128 2.96 9.00 -6.62
CA GLU B 128 1.94 9.57 -5.74
C GLU B 128 1.91 11.09 -5.79
N LEU B 129 1.85 11.67 -6.99
CA LEU B 129 1.83 13.14 -7.07
C LEU B 129 0.44 13.78 -6.95
N CYS B 130 0.05 14.01 -5.71
CA CYS B 130 -1.23 14.64 -5.43
C CYS B 130 -1.18 16.15 -5.66
N LYS B 131 -0.13 16.80 -5.15
CA LYS B 131 0.08 18.21 -5.33
C LYS B 131 1.56 18.59 -5.35
N LEU B 132 1.87 19.72 -5.96
CA LEU B 132 3.24 20.20 -6.05
C LEU B 132 3.32 21.72 -5.77
N ASP B 133 4.10 22.17 -4.77
CA ASP B 133 4.24 23.61 -4.51
C ASP B 133 5.24 24.10 -5.48
N ASP B 134 5.40 25.41 -5.53
CA ASP B 134 6.37 25.95 -6.44
C ASP B 134 7.79 25.78 -5.93
N ARG B 135 7.98 25.76 -4.62
CA ARG B 135 9.32 25.58 -4.07
C ARG B 135 9.77 24.14 -4.34
N GLU B 136 8.85 23.19 -4.19
CA GLU B 136 9.16 21.78 -4.44
C GLU B 136 9.68 21.54 -5.85
N LYS B 137 9.37 22.44 -6.78
CA LYS B 137 9.84 22.31 -8.14
C LYS B 137 11.37 22.38 -8.24
N TYR B 138 12.00 23.10 -7.32
CA TYR B 138 13.46 23.20 -7.37
C TYR B 138 14.11 21.89 -7.00
N GLN B 139 13.34 20.97 -6.42
CA GLN B 139 13.87 19.68 -6.02
C GLN B 139 13.28 18.47 -6.75
N LEU B 140 12.69 18.69 -7.93
CA LEU B 140 12.12 17.60 -8.72
C LEU B 140 13.15 16.57 -9.16
N THR B 141 14.42 16.94 -9.01
CA THR B 141 15.55 16.11 -9.40
C THR B 141 15.79 14.90 -8.49
N LEU B 142 15.10 14.87 -7.37
CA LEU B 142 15.18 13.76 -6.45
C LEU B 142 14.37 12.61 -7.09
N PHE B 143 13.64 12.90 -8.16
CA PHE B 143 12.84 11.86 -8.82
C PHE B 143 13.55 11.41 -10.09
N PRO B 144 13.28 10.17 -10.53
CA PRO B 144 13.95 9.69 -11.73
C PRO B 144 13.67 10.74 -12.82
N HIS B 145 14.70 11.17 -13.55
CA HIS B 145 14.50 12.18 -14.58
C HIS B 145 15.59 12.22 -15.64
N GLN B 146 15.41 13.13 -16.60
CA GLN B 146 16.37 13.40 -17.69
C GLN B 146 16.06 14.79 -18.19
N PHE B 147 16.89 15.31 -19.08
CA PHE B 147 16.71 16.65 -19.63
C PHE B 147 16.56 16.71 -21.14
N LEU B 148 15.75 17.66 -21.60
CA LEU B 148 15.61 17.91 -23.02
C LEU B 148 16.29 19.27 -23.21
N ASN B 149 17.46 19.23 -23.85
CA ASN B 149 18.25 20.43 -24.10
C ASN B 149 18.56 20.37 -25.59
N PRO B 150 17.89 21.22 -26.40
CA PRO B 150 18.04 21.30 -27.85
C PRO B 150 19.41 21.15 -28.45
N ARG B 151 20.40 21.80 -27.84
CA ARG B 151 21.76 21.74 -28.35
C ARG B 151 22.26 20.33 -28.32
N THR B 152 21.70 19.54 -27.41
CA THR B 152 22.12 18.16 -27.22
C THR B 152 21.19 17.01 -27.61
N ASN B 153 19.93 17.04 -27.20
CA ASN B 153 19.10 15.90 -27.52
C ASN B 153 17.66 16.28 -27.67
N THR B 154 16.91 15.42 -28.37
CA THR B 154 15.49 15.64 -28.54
C THR B 154 14.72 14.51 -27.88
N THR B 155 15.43 13.56 -27.27
CA THR B 155 14.79 12.44 -26.60
C THR B 155 15.17 12.20 -25.12
N ALA B 156 14.19 11.80 -24.31
CA ALA B 156 14.37 11.44 -22.90
C ALA B 156 13.80 10.04 -22.78
N HIS B 157 14.32 9.24 -21.87
CA HIS B 157 13.87 7.87 -21.72
C HIS B 157 14.07 7.44 -20.27
N ILE B 158 12.97 7.15 -19.59
CA ILE B 158 13.00 6.74 -18.18
C ILE B 158 12.21 5.46 -18.08
N GLN B 159 12.73 4.51 -17.30
CA GLN B 159 12.04 3.24 -17.14
C GLN B 159 11.85 3.02 -15.65
N VAL B 160 10.61 2.83 -15.25
CA VAL B 160 10.31 2.66 -13.83
C VAL B 160 9.49 1.41 -13.52
N PRO B 161 9.62 0.87 -12.31
CA PRO B 161 8.87 -0.32 -11.90
C PRO B 161 7.51 -0.01 -11.30
N TYR B 162 6.72 -1.06 -11.10
CA TYR B 162 5.44 -0.89 -10.47
C TYR B 162 5.78 -0.52 -9.03
N LEU B 163 4.96 0.33 -8.43
CA LEU B 163 5.18 0.85 -7.09
C LEU B 163 3.82 0.94 -6.41
N GLY B 164 3.80 0.89 -5.07
CA GLY B 164 2.54 1.02 -4.37
C GLY B 164 2.47 0.35 -3.03
N VAL B 165 1.56 0.78 -2.17
CA VAL B 165 1.44 0.13 -0.86
C VAL B 165 0.78 -1.24 -1.07
N ASP B 166 0.14 -1.43 -2.23
CA ASP B 166 -0.51 -2.71 -2.54
C ASP B 166 0.13 -3.37 -3.73
N ARG B 167 0.11 -4.68 -3.72
CA ARG B 167 0.72 -5.49 -4.77
C ARG B 167 0.01 -5.21 -6.11
N HIS B 168 -1.26 -4.83 -6.05
CA HIS B 168 -2.10 -4.56 -7.23
C HIS B 168 -3.03 -3.40 -7.00
N ASP B 169 -3.53 -2.83 -8.08
CA ASP B 169 -4.47 -1.75 -7.96
C ASP B 169 -5.81 -2.21 -8.48
N GLN B 170 -6.85 -1.62 -7.93
CA GLN B 170 -8.18 -1.95 -8.38
C GLN B 170 -8.56 -0.96 -9.51
N GLY B 171 -8.15 -1.30 -10.71
CA GLY B 171 -8.41 -0.50 -11.89
C GLY B 171 -8.42 1.00 -11.88
N THR B 172 -7.27 1.61 -12.11
CA THR B 172 -7.19 3.08 -12.20
C THR B 172 -7.55 3.73 -10.87
N ARG B 173 -8.10 4.94 -10.92
CA ARG B 173 -8.47 5.68 -9.72
C ARG B 173 -7.17 6.11 -9.09
N HIS B 174 -6.38 5.13 -8.68
CA HIS B 174 -5.09 5.38 -8.10
C HIS B 174 -4.04 5.50 -9.18
N LYS B 175 -3.42 6.66 -9.26
CA LYS B 175 -2.37 6.90 -10.24
C LYS B 175 -1.02 6.91 -9.50
N ALA B 176 -0.40 5.74 -9.38
CA ALA B 176 0.87 5.64 -8.67
C ALA B 176 1.97 6.51 -9.26
N TRP B 177 1.94 6.69 -10.58
CA TRP B 177 2.94 7.49 -11.28
C TRP B 177 2.36 8.62 -12.11
N THR B 178 3.05 9.74 -12.14
CA THR B 178 2.63 10.90 -12.92
C THR B 178 3.86 11.44 -13.61
N LEU B 179 3.79 11.50 -14.93
CA LEU B 179 4.88 12.01 -15.72
C LEU B 179 4.82 13.52 -15.59
N VAL B 180 5.95 14.15 -15.32
CA VAL B 180 5.97 15.59 -15.27
C VAL B 180 7.09 16.20 -16.12
N VAL B 181 6.70 17.15 -16.97
CA VAL B 181 7.61 17.86 -17.86
C VAL B 181 7.46 19.33 -17.46
N MET B 182 8.56 19.95 -17.09
CA MET B 182 8.56 21.31 -16.63
C MET B 182 9.67 22.13 -17.25
N VAL B 183 9.36 23.37 -17.57
CA VAL B 183 10.35 24.25 -18.16
C VAL B 183 11.36 24.72 -17.12
N LEU B 184 12.64 24.50 -17.41
CA LEU B 184 13.69 24.96 -16.51
C LEU B 184 14.13 26.30 -17.06
N ALA B 185 14.55 26.29 -18.32
CA ALA B 185 14.98 27.50 -18.99
C ALA B 185 13.99 27.64 -20.15
N PRO B 186 13.53 28.86 -20.44
CA PRO B 186 12.56 29.13 -21.50
C PRO B 186 13.13 28.88 -22.88
N TYR B 187 12.25 28.47 -23.78
CA TYR B 187 12.61 28.18 -25.16
C TYR B 187 13.03 29.47 -25.85
N THR B 188 14.02 29.40 -26.72
CA THR B 188 14.45 30.58 -27.44
C THR B 188 14.57 30.33 -28.92
N ASN B 189 14.37 31.39 -29.70
CA ASN B 189 14.57 31.30 -31.12
C ASN B 189 15.22 32.59 -31.58
N ASP B 190 16.41 32.84 -31.03
CA ASP B 190 17.16 34.05 -31.33
C ASP B 190 18.18 33.89 -32.48
N GLN B 191 18.26 32.73 -33.12
CA GLN B 191 19.25 32.62 -34.18
C GLN B 191 18.70 32.49 -35.61
N THR B 192 17.53 33.09 -35.85
CA THR B 192 16.91 33.08 -37.18
C THR B 192 16.44 31.73 -37.75
N ILE B 193 17.29 30.70 -37.74
CA ILE B 193 16.90 29.41 -38.30
C ILE B 193 16.18 28.43 -37.38
N GLY B 194 15.99 28.77 -36.11
CA GLY B 194 15.30 27.83 -35.22
C GLY B 194 13.81 27.76 -35.49
N SER B 195 13.06 27.06 -34.66
CA SER B 195 11.62 26.98 -34.85
C SER B 195 11.02 27.84 -33.74
N THR B 196 9.75 28.21 -33.86
CA THR B 196 9.11 29.07 -32.85
C THR B 196 8.48 28.31 -31.70
N LYS B 197 8.42 27.01 -31.85
CA LYS B 197 7.88 26.15 -30.82
C LYS B 197 8.35 24.72 -31.12
N ALA B 198 8.22 23.88 -30.10
CA ALA B 198 8.60 22.48 -30.18
C ALA B 198 7.43 21.67 -29.66
N GLU B 199 6.88 20.76 -30.47
CA GLU B 199 5.80 19.92 -29.95
C GLU B 199 6.41 18.86 -29.02
N VAL B 200 5.73 18.59 -27.93
CA VAL B 200 6.20 17.59 -26.99
C VAL B 200 5.30 16.37 -27.07
N TYR B 201 5.91 15.25 -27.44
CA TYR B 201 5.23 13.97 -27.59
C TYR B 201 5.73 12.94 -26.59
N VAL B 202 4.85 12.01 -26.26
CA VAL B 202 5.10 10.94 -25.32
C VAL B 202 4.93 9.59 -26.01
N ASN B 203 5.85 8.67 -25.76
CA ASN B 203 5.80 7.32 -26.32
C ASN B 203 5.96 6.42 -25.11
N ILE B 204 4.88 5.77 -24.71
CA ILE B 204 4.88 4.95 -23.52
C ILE B 204 4.47 3.52 -23.78
N ALA B 205 4.97 2.64 -22.94
CA ALA B 205 4.61 1.24 -23.05
C ALA B 205 4.55 0.66 -21.65
N PRO B 206 3.44 -0.04 -21.32
CA PRO B 206 3.25 -0.67 -20.02
C PRO B 206 4.12 -1.93 -20.03
N THR B 207 4.73 -2.24 -18.90
CA THR B 207 5.56 -3.43 -18.84
C THR B 207 5.13 -4.37 -17.70
N ASN B 208 5.32 -5.67 -17.91
CA ASN B 208 4.97 -6.67 -16.92
C ASN B 208 3.55 -6.50 -16.46
N VAL B 209 2.59 -6.57 -17.38
CA VAL B 209 1.23 -6.40 -16.91
C VAL B 209 0.62 -7.70 -16.46
N TYR B 210 0.19 -7.72 -15.21
CA TYR B 210 -0.46 -8.88 -14.60
C TYR B 210 -1.80 -8.43 -14.12
N VAL B 211 -2.85 -9.17 -14.49
CA VAL B 211 -4.20 -8.83 -14.09
C VAL B 211 -4.85 -10.00 -13.38
N ALA B 212 -5.92 -9.72 -12.64
CA ALA B 212 -6.63 -10.76 -11.91
C ALA B 212 -8.06 -10.32 -11.61
N GLY B 213 -8.90 -11.29 -11.31
CA GLY B 213 -10.27 -10.96 -10.97
C GLY B 213 -11.09 -10.62 -12.19
N GLU B 214 -11.49 -11.66 -12.92
CA GLU B 214 -12.26 -11.44 -14.12
C GLU B 214 -13.73 -11.26 -13.87
N LYS B 215 -14.28 -10.33 -14.64
CA LYS B 215 -15.66 -9.92 -14.62
C LYS B 215 -16.11 -9.78 -16.09
N PRO B 216 -17.42 -9.76 -16.34
CA PRO B 216 -17.97 -9.64 -17.71
C PRO B 216 -17.80 -8.25 -18.30
N VAL B 217 -17.45 -8.21 -19.56
CA VAL B 217 -17.27 -6.96 -20.28
C VAL B 217 -18.64 -6.79 -20.88
N LYS B 218 -19.05 -5.59 -21.24
CA LYS B 218 -20.38 -5.49 -21.90
C LYS B 218 -21.61 -5.83 -21.06
N GLN B 219 -22.70 -6.11 -21.79
CA GLN B 219 -24.00 -6.42 -21.22
C GLN B 219 -25.00 -6.77 -22.34
N GLY C 1 28.73 -0.95 49.39
CA GLY C 1 27.66 -0.21 48.69
C GLY C 1 26.66 -1.18 48.11
N ILE C 2 25.65 -0.68 47.41
CA ILE C 2 24.63 -1.54 46.84
C ILE C 2 24.30 -1.15 45.39
N LEU C 3 23.62 -2.03 44.70
CA LEU C 3 23.26 -1.84 43.30
C LEU C 3 22.39 -0.62 43.08
N PRO C 4 22.91 0.36 42.31
CA PRO C 4 22.25 1.62 41.96
C PRO C 4 21.23 1.24 40.92
N VAL C 5 20.04 1.76 41.04
CA VAL C 5 19.01 1.41 40.10
C VAL C 5 18.20 2.67 39.76
N ALA C 6 17.78 2.79 38.50
CA ALA C 6 16.99 3.95 38.04
C ALA C 6 15.56 3.53 37.74
N VAL C 7 14.62 4.05 38.54
CA VAL C 7 13.22 3.70 38.34
C VAL C 7 12.59 4.52 37.21
N SER C 8 12.10 3.85 36.18
CA SER C 8 11.58 4.60 35.05
C SER C 8 10.12 4.95 34.99
N ASP C 9 9.87 6.20 34.62
CA ASP C 9 8.51 6.76 34.48
C ASP C 9 7.91 6.02 33.31
N GLY C 10 6.58 5.89 33.32
CA GLY C 10 5.91 5.22 32.23
C GLY C 10 5.96 3.71 32.23
N TYR C 11 6.76 3.12 33.12
CA TYR C 11 6.89 1.65 33.21
C TYR C 11 6.38 1.14 34.53
N GLY C 12 5.67 0.03 34.48
CA GLY C 12 5.22 -0.57 35.71
C GLY C 12 3.75 -0.60 35.97
N GLY C 13 2.99 0.28 35.34
CA GLY C 13 1.55 0.29 35.56
C GLY C 13 0.86 -1.05 35.29
N PHE C 14 -0.27 -1.25 35.95
CA PHE C 14 -1.03 -2.47 35.73
C PHE C 14 -1.32 -2.56 34.25
N GLN C 15 -1.27 -3.78 33.72
CA GLN C 15 -1.54 -4.05 32.33
C GLN C 15 -2.39 -5.27 32.29
N ASN C 16 -3.33 -5.31 31.35
CA ASN C 16 -4.25 -6.43 31.22
C ASN C 16 -3.82 -7.51 30.22
N THR C 17 -2.94 -7.15 29.29
CA THR C 17 -2.43 -8.09 28.28
C THR C 17 -0.91 -8.20 28.33
N ASP C 18 -0.31 -8.00 29.51
CA ASP C 18 1.13 -8.06 29.64
C ASP C 18 1.69 -9.46 29.64
N PRO C 19 2.96 -9.60 29.21
CA PRO C 19 3.64 -10.89 29.16
C PRO C 19 4.30 -11.39 30.43
N LYS C 20 3.85 -10.99 31.60
CA LYS C 20 4.49 -11.51 32.80
C LYS C 20 3.51 -12.18 33.74
N THR C 21 4.06 -12.96 34.67
CA THR C 21 3.22 -13.66 35.63
C THR C 21 3.14 -12.99 37.01
N SER C 22 2.07 -13.28 37.75
CA SER C 22 1.88 -12.67 39.06
C SER C 22 2.65 -13.49 40.08
N ASP C 23 2.88 -12.92 41.26
CA ASP C 23 3.62 -13.67 42.27
C ASP C 23 2.69 -14.74 42.90
N PRO C 24 3.20 -15.97 43.07
CA PRO C 24 2.49 -17.11 43.63
C PRO C 24 2.22 -16.94 45.10
N VAL C 25 1.23 -17.68 45.60
CA VAL C 25 0.88 -17.52 46.99
C VAL C 25 0.40 -18.81 47.66
N TYR C 26 0.09 -19.84 46.87
CA TYR C 26 -0.41 -21.08 47.47
C TYR C 26 0.18 -22.32 46.78
N GLY C 27 1.26 -22.83 47.35
CA GLY C 27 1.92 -23.95 46.72
C GLY C 27 1.51 -25.37 46.99
N HIS C 28 2.12 -26.25 46.21
CA HIS C 28 1.97 -27.70 46.30
C HIS C 28 0.63 -28.33 46.05
N VAL C 29 -0.03 -27.86 45.00
CA VAL C 29 -1.32 -28.46 44.69
C VAL C 29 -1.17 -29.35 43.45
N TYR C 30 -1.53 -30.63 43.57
CA TYR C 30 -1.42 -31.59 42.46
C TYR C 30 -2.83 -31.92 41.97
N ASN C 31 -3.06 -31.67 40.70
CA ASN C 31 -4.36 -31.87 40.08
C ASN C 31 -4.78 -33.30 39.78
N PRO C 32 -6.09 -33.53 39.64
CA PRO C 32 -6.57 -34.87 39.30
C PRO C 32 -6.11 -35.14 37.83
N ALA C 33 -5.87 -36.40 37.48
CA ALA C 33 -5.41 -36.75 36.13
C ALA C 33 -6.44 -36.42 35.07
N ARG C 34 -6.06 -35.68 34.04
CA ARG C 34 -7.02 -35.44 32.97
C ARG C 34 -6.50 -36.01 31.64
N THR C 35 -5.90 -37.18 31.79
CA THR C 35 -5.30 -37.96 30.73
C THR C 35 -6.37 -38.45 29.77
N LEU C 36 -6.12 -38.36 28.48
CA LEU C 36 -7.06 -38.85 27.48
C LEU C 36 -8.42 -38.19 27.44
N TYR C 37 -8.57 -36.99 28.02
CA TYR C 37 -9.88 -36.41 27.97
C TYR C 37 -10.22 -36.09 26.51
N PRO C 38 -11.39 -36.53 26.04
CA PRO C 38 -11.78 -36.28 24.64
C PRO C 38 -12.16 -34.87 24.21
N GLY C 39 -12.21 -34.70 22.89
CA GLY C 39 -12.62 -33.43 22.27
C GLY C 39 -11.75 -32.21 22.41
N ARG C 40 -10.50 -32.39 22.79
CA ARG C 40 -9.63 -31.24 22.95
C ARG C 40 -9.42 -30.43 21.67
N PHE C 41 -9.42 -29.11 21.82
CA PHE C 41 -9.13 -28.22 20.69
C PHE C 41 -8.09 -27.17 21.02
N THR C 42 -7.27 -26.88 20.04
CA THR C 42 -6.15 -26.00 20.23
C THR C 42 -6.16 -24.68 19.51
N ASN C 43 -6.75 -24.65 18.33
CA ASN C 43 -6.82 -23.45 17.54
C ASN C 43 -8.25 -23.34 16.99
N LEU C 44 -8.90 -22.20 17.17
CA LEU C 44 -10.26 -22.03 16.66
C LEU C 44 -10.40 -22.42 15.18
N LEU C 45 -9.37 -22.14 14.38
CA LEU C 45 -9.44 -22.47 12.95
C LEU C 45 -9.42 -23.97 12.59
N ASP C 46 -9.07 -24.84 13.54
CA ASP C 46 -9.10 -26.27 13.23
C ASP C 46 -10.55 -26.69 13.28
N VAL C 47 -11.28 -26.13 14.24
CA VAL C 47 -12.68 -26.49 14.34
C VAL C 47 -13.44 -25.76 13.24
N ALA C 48 -12.98 -24.58 12.91
CA ALA C 48 -13.57 -23.75 11.86
C ALA C 48 -13.39 -24.38 10.48
N GLU C 49 -12.35 -25.17 10.29
CA GLU C 49 -12.13 -25.81 8.99
C GLU C 49 -12.98 -27.06 8.80
N ALA C 50 -13.10 -27.79 9.91
CA ALA C 50 -13.78 -29.07 9.97
C ALA C 50 -15.27 -29.07 10.16
N CYS C 51 -15.83 -28.00 10.72
CA CYS C 51 -17.26 -27.95 11.00
C CYS C 51 -18.00 -26.84 10.30
N PRO C 52 -18.64 -27.13 9.16
CA PRO C 52 -19.37 -26.05 8.47
C PRO C 52 -20.66 -25.71 9.23
N THR C 53 -21.03 -24.44 9.21
CA THR C 53 -22.22 -23.99 9.91
C THR C 53 -23.16 -23.38 8.90
N LEU C 54 -24.43 -23.31 9.29
CA LEU C 54 -25.50 -22.85 8.41
C LEU C 54 -25.66 -21.39 8.11
N LEU C 55 -25.86 -21.11 6.83
CA LEU C 55 -26.12 -19.75 6.39
C LEU C 55 -27.61 -19.52 6.63
N ASP C 56 -28.02 -18.27 6.63
CA ASP C 56 -29.40 -17.99 6.85
C ASP C 56 -29.94 -17.23 5.68
N PHE C 57 -31.04 -17.74 5.11
CA PHE C 57 -31.70 -17.07 4.00
C PHE C 57 -33.10 -16.72 4.46
N ASN C 58 -33.20 -15.62 5.19
CA ASN C 58 -34.48 -15.14 5.71
C ASN C 58 -35.18 -16.14 6.56
N GLY C 59 -34.46 -16.72 7.49
CA GLY C 59 -35.09 -17.66 8.39
C GLY C 59 -34.86 -19.13 8.16
N VAL C 60 -34.31 -19.51 7.03
CA VAL C 60 -34.06 -20.90 6.75
C VAL C 60 -32.69 -21.07 6.16
N PRO C 61 -32.04 -22.22 6.45
CA PRO C 61 -30.69 -22.55 5.98
C PRO C 61 -30.63 -22.99 4.52
N TYR C 62 -31.76 -23.03 3.84
CA TYR C 62 -31.72 -23.46 2.45
C TYR C 62 -32.18 -22.46 1.45
N VAL C 63 -31.65 -22.63 0.28
CA VAL C 63 -31.95 -21.79 -0.85
C VAL C 63 -32.93 -22.65 -1.64
N GLN C 64 -33.75 -22.02 -2.47
CA GLN C 64 -34.75 -22.82 -3.15
C GLN C 64 -35.30 -22.31 -4.45
N THR C 65 -35.70 -23.28 -5.27
CA THR C 65 -36.30 -23.06 -6.57
C THR C 65 -37.17 -21.78 -6.54
N GLN C 66 -38.05 -21.72 -5.52
CA GLN C 66 -39.04 -20.66 -5.18
C GLN C 66 -40.32 -20.59 -6.02
N SER C 67 -41.16 -19.58 -5.73
CA SER C 67 -42.45 -19.41 -6.43
C SER C 67 -42.46 -18.66 -7.77
N ASN C 68 -43.09 -17.49 -7.75
CA ASN C 68 -43.21 -16.67 -8.96
C ASN C 68 -42.00 -15.74 -9.13
N SER C 69 -41.36 -15.87 -10.29
CA SER C 69 -40.20 -15.07 -10.71
C SER C 69 -39.36 -15.88 -11.68
N GLY C 70 -39.12 -15.31 -12.85
CA GLY C 70 -38.28 -15.97 -13.81
C GLY C 70 -36.91 -15.43 -13.45
N SER C 71 -36.53 -15.65 -12.21
CA SER C 71 -35.25 -15.20 -11.68
C SER C 71 -34.44 -16.42 -11.33
N LYS C 72 -33.31 -16.57 -11.99
CA LYS C 72 -32.46 -17.72 -11.77
C LYS C 72 -31.48 -17.59 -10.59
N VAL C 73 -31.51 -16.43 -9.93
CA VAL C 73 -30.66 -16.17 -8.77
C VAL C 73 -31.20 -16.77 -7.47
N LEU C 74 -30.50 -17.76 -6.91
CA LEU C 74 -30.92 -18.36 -5.66
C LEU C 74 -30.41 -17.53 -4.50
N ALA C 75 -29.25 -16.90 -4.66
CA ALA C 75 -28.69 -16.05 -3.61
C ALA C 75 -27.52 -15.30 -4.19
N CYS C 76 -27.33 -14.07 -3.76
CA CYS C 76 -26.22 -13.24 -4.23
C CYS C 76 -26.00 -12.35 -3.01
N PHE C 77 -24.83 -12.47 -2.41
CA PHE C 77 -24.54 -11.69 -1.23
C PHE C 77 -23.11 -11.23 -1.17
N ASP C 78 -22.91 -10.17 -0.41
CA ASP C 78 -21.62 -9.57 -0.23
C ASP C 78 -20.70 -10.55 0.43
N LEU C 79 -19.46 -10.59 -0.05
CA LEU C 79 -18.45 -11.45 0.56
C LEU C 79 -18.08 -10.65 1.81
N ALA C 80 -18.83 -10.86 2.88
CA ALA C 80 -18.59 -10.13 4.11
C ALA C 80 -19.15 -10.86 5.28
N PHE C 81 -18.39 -10.90 6.38
CA PHE C 81 -18.86 -11.61 7.59
C PHE C 81 -20.06 -10.91 8.21
N GLY C 82 -20.20 -9.62 7.93
CA GLY C 82 -21.29 -8.84 8.47
C GLY C 82 -22.57 -8.92 7.65
N HIS C 83 -22.56 -9.66 6.54
CA HIS C 83 -23.78 -9.76 5.75
C HIS C 83 -24.74 -10.59 6.55
N LYS C 84 -26.01 -10.26 6.40
CA LYS C 84 -27.06 -10.91 7.16
C LYS C 84 -27.20 -12.41 6.93
N ASN C 85 -26.70 -12.92 5.80
CA ASN C 85 -26.80 -14.35 5.50
C ASN C 85 -25.82 -15.12 6.33
N MET C 86 -24.73 -14.45 6.66
CA MET C 86 -23.63 -15.05 7.42
C MET C 86 -23.86 -14.93 8.91
N LYS C 87 -24.90 -14.20 9.25
CA LYS C 87 -25.22 -13.88 10.63
C LYS C 87 -25.11 -14.94 11.72
N ASN C 88 -25.50 -16.18 11.43
CA ASN C 88 -25.47 -17.23 12.47
C ASN C 88 -24.42 -18.27 12.37
N THR C 89 -23.38 -17.96 11.60
CA THR C 89 -22.27 -18.86 11.35
C THR C 89 -21.15 -18.71 12.37
N TYR C 90 -20.44 -19.81 12.57
CA TYR C 90 -19.30 -19.84 13.50
C TYR C 90 -18.23 -18.90 12.96
N MET C 91 -18.10 -18.81 11.62
CA MET C 91 -17.08 -17.95 11.04
C MET C 91 -17.35 -16.50 11.35
N SER C 92 -18.59 -16.05 11.22
CA SER C 92 -18.93 -14.66 11.54
C SER C 92 -18.88 -14.45 13.05
N GLY C 93 -19.21 -15.51 13.79
CA GLY C 93 -19.16 -15.47 15.23
C GLY C 93 -17.75 -15.14 15.67
N LEU C 94 -16.78 -15.89 15.15
CA LEU C 94 -15.37 -15.68 15.48
C LEU C 94 -14.83 -14.36 14.93
N ALA C 95 -15.26 -14.02 13.73
CA ALA C 95 -14.75 -12.86 13.08
C ALA C 95 -15.02 -11.56 13.81
N GLN C 96 -16.03 -11.54 14.66
CA GLN C 96 -16.29 -10.30 15.37
C GLN C 96 -15.16 -9.99 16.33
N TYR C 97 -14.29 -10.97 16.58
CA TYR C 97 -13.19 -10.77 17.52
C TYR C 97 -11.85 -10.51 16.92
N PHE C 98 -11.80 -10.36 15.60
CA PHE C 98 -10.54 -10.08 14.94
C PHE C 98 -10.77 -8.93 14.02
N ALA C 99 -9.74 -8.11 13.80
CA ALA C 99 -9.86 -6.95 12.94
C ALA C 99 -9.64 -7.23 11.46
N GLN C 100 -8.77 -8.19 11.19
CA GLN C 100 -8.41 -8.54 9.83
C GLN C 100 -8.34 -10.03 9.61
N TYR C 101 -8.42 -10.39 8.34
CA TYR C 101 -8.32 -11.79 7.95
C TYR C 101 -7.74 -11.85 6.56
N SER C 102 -7.41 -13.05 6.14
CA SER C 102 -6.95 -13.28 4.79
C SER C 102 -7.20 -14.74 4.54
N GLY C 103 -7.25 -15.11 3.26
CA GLY C 103 -7.48 -16.50 3.01
C GLY C 103 -8.74 -16.87 2.31
N THR C 104 -8.84 -18.16 2.07
CA THR C 104 -9.90 -18.75 1.32
C THR C 104 -11.03 -19.23 2.18
N LEU C 105 -12.18 -19.45 1.55
CA LEU C 105 -13.36 -19.93 2.24
C LEU C 105 -13.99 -21.07 1.44
N ASN C 106 -14.71 -21.96 2.11
CA ASN C 106 -15.39 -23.06 1.41
C ASN C 106 -16.87 -22.97 1.67
N LEU C 107 -17.65 -22.99 0.58
CA LEU C 107 -19.12 -22.96 0.59
C LEU C 107 -19.57 -24.35 0.18
N HIS C 108 -20.49 -24.93 0.92
CA HIS C 108 -20.96 -26.26 0.60
C HIS C 108 -22.46 -26.27 0.30
N PHE C 109 -22.83 -27.03 -0.71
CA PHE C 109 -24.21 -27.14 -1.13
C PHE C 109 -24.72 -28.58 -1.11
N MET C 110 -25.67 -28.88 -0.23
CA MET C 110 -26.24 -30.24 -0.15
C MET C 110 -27.66 -30.27 -0.71
N TYR C 111 -27.86 -31.06 -1.75
CA TYR C 111 -29.16 -31.16 -2.41
C TYR C 111 -30.05 -32.11 -1.65
N THR C 112 -31.28 -31.67 -1.47
CA THR C 112 -32.28 -32.36 -0.69
C THR C 112 -33.51 -32.96 -1.44
N GLY C 113 -33.54 -32.81 -2.75
CA GLY C 113 -34.69 -33.27 -3.51
C GLY C 113 -34.86 -34.76 -3.69
N PRO C 114 -36.06 -35.19 -4.09
CA PRO C 114 -36.29 -36.63 -4.28
C PRO C 114 -35.48 -37.14 -5.48
N THR C 115 -35.34 -38.44 -5.51
CA THR C 115 -34.58 -39.08 -6.54
C THR C 115 -34.88 -38.68 -7.99
N ASN C 116 -36.14 -38.41 -8.30
CA ASN C 116 -36.49 -38.10 -9.69
C ASN C 116 -36.49 -36.63 -10.02
N ASN C 117 -36.16 -35.80 -9.05
CA ASN C 117 -36.11 -34.37 -9.31
C ASN C 117 -34.65 -33.99 -9.62
N LYS C 118 -34.39 -33.50 -10.82
CA LYS C 118 -33.02 -33.14 -11.20
C LYS C 118 -32.88 -31.66 -11.46
N ALA C 119 -31.69 -31.13 -11.20
CA ALA C 119 -31.38 -29.71 -11.35
C ALA C 119 -29.91 -29.56 -11.71
N LYS C 120 -29.53 -28.33 -12.02
CA LYS C 120 -28.19 -28.00 -12.42
C LYS C 120 -27.94 -26.60 -11.88
N TYR C 121 -26.86 -26.44 -11.13
CA TYR C 121 -26.54 -25.17 -10.48
C TYR C 121 -25.19 -24.60 -10.85
N MET C 122 -24.96 -23.39 -10.36
CA MET C 122 -23.73 -22.69 -10.63
C MET C 122 -23.50 -21.62 -9.56
N VAL C 123 -22.23 -21.40 -9.18
CA VAL C 123 -21.89 -20.38 -8.18
C VAL C 123 -20.69 -19.65 -8.71
N ALA C 124 -20.69 -18.32 -8.58
CA ALA C 124 -19.59 -17.51 -9.07
C ALA C 124 -19.11 -16.49 -8.07
N TYR C 125 -17.84 -16.10 -8.19
CA TYR C 125 -17.30 -15.06 -7.32
C TYR C 125 -17.22 -13.82 -8.20
N ILE C 126 -17.99 -12.80 -7.82
CA ILE C 126 -18.03 -11.55 -8.56
C ILE C 126 -17.10 -10.54 -7.93
N PRO C 127 -16.07 -10.12 -8.66
CA PRO C 127 -15.13 -9.17 -8.07
C PRO C 127 -15.70 -7.76 -7.91
N PRO C 128 -15.11 -6.99 -6.99
CA PRO C 128 -15.54 -5.61 -6.73
C PRO C 128 -15.49 -4.77 -7.97
N GLY C 129 -16.36 -3.78 -7.99
CA GLY C 129 -16.42 -2.89 -9.13
C GLY C 129 -17.07 -3.49 -10.34
N THR C 130 -17.50 -4.75 -10.25
CA THR C 130 -18.15 -5.31 -11.42
C THR C 130 -19.40 -4.51 -11.56
N HIS C 131 -19.75 -4.09 -12.78
CA HIS C 131 -20.99 -3.37 -12.75
C HIS C 131 -22.28 -4.12 -12.60
N PRO C 132 -23.28 -3.95 -13.50
CA PRO C 132 -24.53 -4.69 -13.25
C PRO C 132 -24.20 -6.09 -12.84
N LEU C 133 -24.43 -6.37 -11.55
CA LEU C 133 -24.15 -7.69 -11.07
C LEU C 133 -24.97 -8.58 -11.97
N PRO C 134 -24.31 -9.59 -12.54
CA PRO C 134 -24.96 -10.53 -13.45
C PRO C 134 -26.18 -11.19 -12.82
N GLU C 135 -27.25 -11.31 -13.58
CA GLU C 135 -28.43 -11.96 -13.04
C GLU C 135 -28.68 -13.25 -13.77
N THR C 136 -27.90 -13.52 -14.79
CA THR C 136 -28.11 -14.73 -15.54
C THR C 136 -26.87 -15.58 -15.57
N PRO C 137 -27.06 -16.91 -15.62
CA PRO C 137 -25.95 -17.85 -15.67
C PRO C 137 -25.01 -17.43 -16.80
N GLU C 138 -25.62 -17.12 -17.93
CA GLU C 138 -24.91 -16.68 -19.13
C GLU C 138 -23.93 -15.55 -18.87
N MET C 139 -24.36 -14.54 -18.13
CA MET C 139 -23.50 -13.41 -17.83
C MET C 139 -22.51 -13.74 -16.75
N ALA C 140 -22.99 -14.45 -15.74
CA ALA C 140 -22.17 -14.85 -14.60
C ALA C 140 -21.07 -15.83 -15.02
N SER C 141 -21.23 -16.48 -16.17
CA SER C 141 -20.25 -17.44 -16.63
C SER C 141 -18.92 -16.77 -16.93
N HIS C 142 -18.93 -15.45 -16.98
CA HIS C 142 -17.71 -14.69 -17.24
C HIS C 142 -16.85 -14.44 -15.99
N CYS C 143 -17.28 -14.99 -14.87
CA CYS C 143 -16.54 -14.85 -13.62
C CYS C 143 -15.98 -16.20 -13.23
N TYR C 144 -15.14 -16.15 -12.22
CA TYR C 144 -14.58 -17.37 -11.65
C TYR C 144 -15.86 -18.10 -11.22
N HIS C 145 -16.08 -19.29 -11.74
CA HIS C 145 -17.29 -20.00 -11.38
C HIS C 145 -17.16 -21.51 -11.48
N ALA C 146 -18.20 -22.17 -10.98
CA ALA C 146 -18.31 -23.61 -10.97
C ALA C 146 -19.75 -24.02 -11.25
N GLU C 147 -19.94 -24.96 -12.16
CA GLU C 147 -21.28 -25.45 -12.49
C GLU C 147 -21.29 -26.93 -12.07
N TRP C 148 -22.40 -27.41 -11.55
CA TRP C 148 -22.49 -28.81 -11.16
C TRP C 148 -23.92 -29.24 -11.23
N ASP C 149 -24.12 -30.54 -11.43
CA ASP C 149 -25.46 -31.04 -11.49
C ASP C 149 -25.72 -32.09 -10.42
N THR C 150 -26.99 -32.40 -10.19
CA THR C 150 -27.42 -33.37 -9.20
C THR C 150 -27.11 -34.79 -9.65
N GLY C 151 -27.03 -35.70 -8.69
CA GLY C 151 -26.75 -37.07 -9.04
C GLY C 151 -26.54 -37.85 -7.76
N LEU C 152 -25.77 -38.92 -7.84
CA LEU C 152 -25.46 -39.76 -6.69
C LEU C 152 -24.89 -38.96 -5.50
N ASN C 153 -23.96 -38.03 -5.73
CA ASN C 153 -23.40 -37.22 -4.64
C ASN C 153 -24.27 -35.98 -4.40
N SER C 154 -24.78 -35.83 -3.18
CA SER C 154 -25.65 -34.71 -2.84
C SER C 154 -24.96 -33.39 -2.63
N THR C 155 -23.72 -33.48 -2.17
CA THR C 155 -22.97 -32.31 -1.82
C THR C 155 -21.90 -31.84 -2.78
N PHE C 156 -21.75 -30.53 -2.90
CA PHE C 156 -20.74 -29.92 -3.75
C PHE C 156 -20.04 -28.83 -2.92
N THR C 157 -18.72 -28.73 -3.04
CA THR C 157 -17.97 -27.74 -2.26
C THR C 157 -17.25 -26.78 -3.19
N PHE C 158 -17.36 -25.48 -2.90
CA PHE C 158 -16.78 -24.42 -3.70
C PHE C 158 -15.75 -23.59 -2.92
N THR C 159 -14.72 -23.10 -3.61
CA THR C 159 -13.71 -22.30 -2.93
C THR C 159 -13.79 -20.84 -3.30
N VAL C 160 -14.13 -20.04 -2.33
CA VAL C 160 -14.24 -18.61 -2.50
C VAL C 160 -12.81 -18.14 -2.26
N PRO C 161 -12.20 -17.58 -3.30
CA PRO C 161 -10.82 -17.06 -3.29
C PRO C 161 -10.60 -15.76 -2.59
N TYR C 162 -9.33 -15.38 -2.52
CA TYR C 162 -8.98 -14.12 -1.90
C TYR C 162 -8.28 -13.21 -2.92
N PHE C 163 -8.94 -12.12 -3.34
CA PHE C 163 -8.33 -11.11 -4.25
C PHE C 163 -8.54 -9.80 -3.63
N SER C 164 -7.51 -9.00 -3.65
CA SER C 164 -7.65 -7.73 -3.05
C SER C 164 -6.37 -7.03 -3.40
N ALA C 165 -6.34 -5.73 -3.19
CA ALA C 165 -5.11 -5.03 -3.46
C ALA C 165 -4.12 -5.40 -2.30
N ALA C 166 -4.68 -5.49 -1.10
CA ALA C 166 -3.87 -5.80 0.06
C ALA C 166 -3.87 -7.26 0.47
N ASP C 167 -2.88 -7.60 1.27
CA ASP C 167 -2.68 -8.94 1.74
C ASP C 167 -3.73 -9.33 2.75
N TYR C 168 -4.29 -8.35 3.44
CA TYR C 168 -5.34 -8.60 4.43
C TYR C 168 -6.54 -7.71 4.18
N ALA C 169 -7.69 -8.18 4.60
CA ALA C 169 -8.92 -7.45 4.44
C ALA C 169 -9.49 -7.29 5.84
N TYR C 170 -10.46 -6.40 5.99
CA TYR C 170 -11.08 -6.17 7.29
C TYR C 170 -12.30 -7.06 7.48
N THR C 171 -12.51 -7.52 8.71
CA THR C 171 -13.67 -8.32 8.98
C THR C 171 -14.91 -7.42 9.07
N TYR C 172 -14.74 -6.15 9.49
CA TYR C 172 -15.88 -5.21 9.58
C TYR C 172 -16.01 -4.25 8.40
N ALA C 173 -17.19 -3.66 8.26
CA ALA C 173 -17.46 -2.69 7.17
C ALA C 173 -17.59 -1.28 7.72
N ASP C 174 -16.79 -0.37 7.18
CA ASP C 174 -16.79 1.02 7.61
C ASP C 174 -18.14 1.58 7.25
N GLU C 175 -18.59 2.58 8.02
CA GLU C 175 -19.87 3.22 7.76
C GLU C 175 -19.95 3.73 6.32
N PRO C 176 -18.95 4.50 5.88
CA PRO C 176 -19.01 5.00 4.50
C PRO C 176 -18.46 3.93 3.56
N GLU C 177 -19.29 2.96 3.20
CA GLU C 177 -18.84 1.90 2.32
C GLU C 177 -20.08 1.56 1.58
N GLN C 178 -20.19 2.03 0.34
CA GLN C 178 -21.40 1.74 -0.40
C GLN C 178 -21.48 0.35 -1.01
N ALA C 179 -20.40 -0.08 -1.65
CA ALA C 179 -20.37 -1.39 -2.28
C ALA C 179 -19.48 -2.32 -1.46
N SER C 180 -19.56 -3.63 -1.70
CA SER C 180 -18.74 -4.58 -0.98
C SER C 180 -17.31 -4.44 -1.50
N VAL C 181 -16.40 -4.09 -0.62
CA VAL C 181 -15.01 -3.92 -1.03
C VAL C 181 -14.41 -5.24 -1.47
N GLN C 182 -15.04 -6.34 -1.06
CA GLN C 182 -14.56 -7.67 -1.41
C GLN C 182 -15.38 -8.39 -2.45
N GLY C 183 -16.36 -7.71 -3.03
CA GLY C 183 -17.16 -8.34 -4.05
C GLY C 183 -18.28 -9.20 -3.50
N TRP C 184 -18.86 -10.04 -4.36
CA TRP C 184 -19.98 -10.89 -3.98
C TRP C 184 -19.87 -12.30 -4.47
N VAL C 185 -20.73 -13.16 -3.93
CA VAL C 185 -20.83 -14.53 -4.38
C VAL C 185 -22.29 -14.70 -4.79
N GLY C 186 -22.49 -15.19 -6.01
CA GLY C 186 -23.82 -15.40 -6.54
C GLY C 186 -24.03 -16.88 -6.79
N VAL C 187 -25.20 -17.34 -6.38
CA VAL C 187 -25.58 -18.73 -6.52
C VAL C 187 -26.80 -18.73 -7.42
N TYR C 188 -26.70 -19.41 -8.55
CA TYR C 188 -27.78 -19.46 -9.52
C TYR C 188 -28.24 -20.86 -9.83
N GLN C 189 -29.48 -20.95 -10.30
CA GLN C 189 -30.02 -22.22 -10.69
C GLN C 189 -30.20 -22.13 -12.18
N ILE C 190 -29.44 -22.92 -12.92
CA ILE C 190 -29.50 -22.93 -14.36
C ILE C 190 -30.77 -23.60 -14.82
N THR C 191 -31.14 -24.68 -14.16
CA THR C 191 -32.35 -25.37 -14.55
C THR C 191 -32.81 -26.41 -13.52
N ASP C 192 -34.10 -26.73 -13.54
CA ASP C 192 -34.71 -27.67 -12.58
C ASP C 192 -35.86 -28.40 -13.27
N THR C 193 -35.93 -29.69 -13.04
CA THR C 193 -36.95 -30.59 -13.56
C THR C 193 -37.97 -30.48 -12.45
N HIS C 194 -39.20 -30.03 -12.70
CA HIS C 194 -40.18 -29.82 -11.57
C HIS C 194 -40.03 -28.42 -10.95
N GLU C 195 -41.11 -27.67 -10.83
CA GLU C 195 -41.01 -26.36 -10.24
C GLU C 195 -41.26 -26.40 -8.77
N LYS C 196 -41.65 -27.58 -8.30
CA LYS C 196 -41.85 -27.78 -6.89
C LYS C 196 -40.41 -27.84 -6.43
N ASP C 197 -40.11 -26.88 -5.58
CA ASP C 197 -38.83 -26.70 -4.94
C ASP C 197 -38.02 -27.98 -4.61
N GLY C 198 -36.70 -27.80 -4.55
CA GLY C 198 -35.78 -28.88 -4.18
C GLY C 198 -34.85 -28.05 -3.30
N ALA C 199 -34.84 -28.27 -1.99
CA ALA C 199 -34.00 -27.42 -1.17
C ALA C 199 -32.51 -27.74 -1.14
N VAL C 200 -31.69 -26.69 -1.30
CA VAL C 200 -30.26 -26.81 -1.27
C VAL C 200 -29.75 -26.17 0.03
N ILE C 201 -29.25 -26.99 0.95
CA ILE C 201 -28.72 -26.49 2.22
C ILE C 201 -27.34 -25.89 1.96
N VAL C 202 -27.16 -24.64 2.37
CA VAL C 202 -25.90 -23.95 2.19
C VAL C 202 -25.14 -23.82 3.48
N THR C 203 -23.84 -24.05 3.39
CA THR C 203 -23.02 -24.06 4.57
C THR C 203 -21.64 -23.43 4.35
N VAL C 204 -21.01 -22.94 5.40
CA VAL C 204 -19.70 -22.30 5.21
C VAL C 204 -18.62 -22.71 6.21
N SER C 205 -17.39 -22.91 5.71
CA SER C 205 -16.24 -23.28 6.56
C SER C 205 -14.95 -22.60 6.11
N ALA C 206 -13.96 -22.51 6.99
CA ALA C 206 -12.67 -21.89 6.67
C ALA C 206 -11.89 -22.74 5.67
N GLY C 207 -11.21 -22.05 4.76
CA GLY C 207 -10.43 -22.75 3.78
C GLY C 207 -9.14 -23.13 4.46
N PRO C 208 -8.35 -23.98 3.82
CA PRO C 208 -7.06 -24.44 4.36
C PRO C 208 -6.01 -23.38 4.61
N ASP C 209 -6.14 -22.21 3.98
CA ASP C 209 -5.18 -21.13 4.16
C ASP C 209 -5.82 -19.85 4.74
N PHE C 210 -6.98 -20.03 5.36
CA PHE C 210 -7.66 -18.92 5.97
C PHE C 210 -6.89 -18.49 7.23
N GLU C 211 -6.98 -17.23 7.60
CA GLU C 211 -6.27 -16.73 8.76
C GLU C 211 -6.88 -15.44 9.34
N PHE C 212 -6.87 -15.33 10.66
CA PHE C 212 -7.34 -14.15 11.39
C PHE C 212 -6.16 -13.52 12.13
N ARG C 213 -6.15 -12.20 12.23
CA ARG C 213 -5.15 -11.48 13.02
C ARG C 213 -5.82 -10.31 13.72
N MET C 214 -5.16 -9.88 14.79
CA MET C 214 -5.57 -8.77 15.63
C MET C 214 -6.80 -9.04 16.46
N PRO C 215 -6.63 -9.76 17.58
CA PRO C 215 -7.77 -10.05 18.45
C PRO C 215 -8.30 -8.71 19.01
N ILE C 216 -9.62 -8.58 19.10
CA ILE C 216 -10.24 -7.38 19.66
C ILE C 216 -11.47 -7.81 20.42
N SER C 217 -11.73 -7.10 21.52
CA SER C 217 -12.91 -7.32 22.34
C SER C 217 -13.69 -6.07 21.93
N PRO C 218 -14.62 -6.23 21.00
CA PRO C 218 -15.45 -5.19 20.42
C PRO C 218 -16.59 -4.80 21.31
N SER C 219 -16.56 -5.35 22.50
CA SER C 219 -17.61 -5.16 23.45
C SER C 219 -18.54 -3.95 23.50
N ARG C 220 -19.77 -4.40 23.75
CA ARG C 220 -21.04 -3.71 23.98
C ARG C 220 -22.08 -3.17 23.01
N GLN C 221 -22.46 -1.89 23.15
CA GLN C 221 -23.57 -1.33 22.35
C GLN C 221 -23.30 0.00 21.61
N SER D 15 20.39 -1.67 15.79
CA SER D 15 20.34 -0.49 14.86
C SER D 15 19.53 0.64 15.50
N GLY D 16 19.51 1.79 14.83
CA GLY D 16 18.75 2.93 15.31
C GLY D 16 19.39 3.71 16.44
N ASN D 17 18.54 4.32 17.25
CA ASN D 17 18.99 5.11 18.39
C ASN D 17 18.69 4.38 19.72
N THR D 18 19.07 3.10 19.79
CA THR D 18 18.89 2.30 21.02
C THR D 18 20.20 1.54 21.29
N GLY D 19 20.77 1.73 22.48
CA GLY D 19 22.02 1.06 22.80
C GLY D 19 22.23 0.63 24.24
N SER D 20 21.79 -0.57 24.57
CA SER D 20 21.96 -1.12 25.91
C SER D 20 22.95 -2.28 25.81
N ILE D 21 24.19 -2.07 26.23
CA ILE D 21 25.25 -3.09 26.20
C ILE D 21 24.72 -4.45 26.65
N ILE D 22 23.77 -4.40 27.59
CA ILE D 22 23.18 -5.60 28.13
C ILE D 22 22.22 -6.36 27.23
N ASN D 23 20.99 -5.88 27.05
CA ASN D 23 20.03 -6.65 26.23
C ASN D 23 18.59 -6.14 26.23
N ASN D 24 17.67 -7.08 25.95
CA ASN D 24 16.23 -6.87 25.97
C ASN D 24 15.56 -8.03 26.74
N TYR D 25 14.72 -7.66 27.71
CA TYR D 25 14.04 -8.58 28.61
C TYR D 25 12.88 -9.41 28.06
N TYR D 26 12.07 -8.82 27.19
CA TYR D 26 10.91 -9.54 26.68
C TYR D 26 11.28 -10.13 25.35
N MET D 27 10.59 -11.20 24.97
CA MET D 27 10.89 -11.83 23.71
C MET D 27 10.59 -10.99 22.49
N GLN D 28 11.27 -11.33 21.41
CA GLN D 28 11.14 -10.65 20.14
C GLN D 28 9.73 -10.60 19.58
N GLN D 29 8.98 -11.68 19.74
CA GLN D 29 7.60 -11.78 19.25
C GLN D 29 6.66 -10.86 19.96
N TYR D 30 7.12 -10.28 21.08
CA TYR D 30 6.30 -9.35 21.82
C TYR D 30 6.82 -7.94 21.64
N GLN D 31 8.13 -7.79 21.61
CA GLN D 31 8.68 -6.45 21.45
C GLN D 31 8.40 -5.82 20.09
N ASN D 32 8.55 -6.59 19.01
CA ASN D 32 8.34 -6.08 17.66
C ASN D 32 7.44 -6.91 16.79
N SER D 33 7.10 -6.38 15.61
CA SER D 33 6.32 -7.17 14.69
C SER D 33 7.35 -8.07 13.94
N MET D 34 6.92 -9.26 13.56
CA MET D 34 7.78 -10.22 12.86
C MET D 34 7.64 -9.99 11.35
N ASP D 35 8.76 -9.83 10.67
CA ASP D 35 8.77 -9.64 9.23
C ASP D 35 8.67 -10.95 8.45
N THR D 36 8.06 -10.89 7.26
CA THR D 36 7.97 -12.08 6.44
C THR D 36 8.56 -11.80 5.04
N GLN D 37 8.87 -12.86 4.29
CA GLN D 37 9.44 -12.75 2.94
C GLN D 37 8.67 -13.55 1.92
N LEU D 38 8.85 -13.18 0.66
CA LEU D 38 8.20 -13.79 -0.46
C LEU D 38 9.24 -14.55 -1.28
N GLY D 39 8.95 -15.81 -1.59
CA GLY D 39 9.89 -16.61 -2.39
C GLY D 39 10.76 -17.59 -1.62
N ASP D 40 10.21 -18.52 -0.98
N ASN D 65 20.02 -4.07 -0.56
CA ASN D 65 18.89 -3.50 -1.36
C ASN D 65 18.68 -2.01 -1.06
N ASP D 66 19.76 -1.24 -1.11
CA ASP D 66 19.74 0.19 -0.81
C ASP D 66 20.00 0.90 -2.14
N TRP D 67 18.93 1.15 -2.88
CA TRP D 67 18.99 1.79 -4.17
C TRP D 67 19.89 2.97 -4.17
N PHE D 68 19.66 3.87 -3.21
CA PHE D 68 20.43 5.10 -3.18
C PHE D 68 21.89 5.00 -2.86
N SER D 69 22.25 3.96 -2.12
CA SER D 69 23.64 3.75 -1.79
C SER D 69 24.26 3.37 -3.11
N LYS D 70 23.62 2.43 -3.84
CA LYS D 70 24.11 1.97 -5.12
C LYS D 70 24.19 3.11 -6.11
N LEU D 71 23.14 3.91 -6.17
CA LEU D 71 23.13 5.06 -7.06
C LEU D 71 24.30 5.98 -6.76
N ALA D 72 24.50 6.30 -5.49
CA ALA D 72 25.59 7.17 -5.08
C ALA D 72 26.94 6.58 -5.48
N GLN D 73 27.14 5.31 -5.17
CA GLN D 73 28.35 4.54 -5.46
C GLN D 73 28.74 4.61 -6.91
N SER D 74 27.73 4.63 -7.77
CA SER D 74 27.93 4.63 -9.21
C SER D 74 28.31 5.96 -9.85
N ALA D 75 28.29 7.04 -9.10
CA ALA D 75 28.60 8.34 -9.68
C ALA D 75 29.98 8.39 -10.29
N PHE D 76 30.08 9.12 -11.38
CA PHE D 76 31.32 9.32 -12.08
C PHE D 76 32.12 10.32 -11.25
N SER D 77 33.37 9.98 -10.95
CA SER D 77 34.24 10.83 -10.14
C SER D 77 35.58 11.05 -10.82
N GLY D 78 35.65 10.72 -12.12
CA GLY D 78 36.88 10.86 -12.88
C GLY D 78 37.03 12.17 -13.62
N LEU D 79 37.63 12.08 -14.80
CA LEU D 79 37.88 13.25 -15.64
C LEU D 79 37.54 12.93 -17.09
N VAL D 80 36.63 13.72 -17.68
CA VAL D 80 36.28 13.55 -19.09
C VAL D 80 37.29 14.41 -19.86
N GLY D 81 37.93 13.77 -20.84
CA GLY D 81 38.95 14.40 -21.65
C GLY D 81 40.33 14.02 -21.13
N ALA D 82 41.35 14.66 -21.67
CA ALA D 82 42.73 14.38 -21.27
C ALA D 82 43.22 15.42 -20.27
N LEU D 83 44.07 14.98 -19.34
CA LEU D 83 44.64 15.85 -18.33
C LEU D 83 46.06 16.27 -18.74
N LEU D 84 46.49 17.43 -18.28
CA LEU D 84 47.80 17.95 -18.62
C LEU D 84 48.43 18.58 -17.37
N ALA D 85 49.73 18.32 -17.19
CA ALA D 85 50.53 18.85 -16.10
C ALA D 85 50.01 18.41 -14.72
#